data_5CA9
#
_entry.id   5CA9
#
_cell.length_a   76.272
_cell.length_b   120.527
_cell.length_c   190.198
_cell.angle_alpha   90.00
_cell.angle_beta   90.00
_cell.angle_gamma   90.00
#
_symmetry.space_group_name_H-M   'I 21 21 21'
#
loop_
_entity.id
_entity.type
_entity.pdbx_description
1 polymer 'Protein SEY1'
2 non-polymer 'MAGNESIUM ION'
3 non-polymer 'TETRAFLUOROALUMINATE ION'
4 non-polymer "GUANOSINE-5'-DIPHOSPHATE"
5 water water
#
_entity_poly.entity_id   1
_entity_poly.type   'polypeptide(L)'
_entity_poly.pdbx_seq_one_letter_code
;MELSEGELSHTSSSSSFVPVDQRQLQDAIQIIDENKHFNTGILDYINKTSPADVGNNYHIISVFGSQSTGKSTLLNRLFN
TNFDVMDELNRQQTTKGIWLAYSPVVSTTLGHTTSKSNILVMDVEGTDGRERGEDQDFERKAALFALSTSEVLIINIWET
QVGLYQGANMGLLKTVFEVNLSLFGKSKLETHNDHKVLLLIVIRDHVGVTPVESLAKTFTLDLQNMWSSLAKPAELEHLQ
FADFFDVTFHALNHKVLQPKEFGEGINRLGDRLVVSNELFKPEYHHDVPIDGWTMYAERCWEQIETNKDLDLPTQQILVA
QFKCDEIVESVFQEFLTKYQHHFKEVDAAPDFEELGALFADLRQDAFEDYDASASRYNKAVYEQKRKKLRWLINDKLKEV
FDVHAKNLCNTLLEKFEKDLVALKGKDFAVNVKTLSTKLVEDVNFQVSLMSLQGDLSLDEIILALTKDIDAIVAKQQVVE
LNSIVNKSVKKLSASLSKSIQFELGDPNEETWDNVLQQFKGVYEKFGGDFGLGTSSTQNQQAIEKFKFKSWCQFYDVTHK
LISREKLLALLQDRFDDKFRYDENGLPKLYLNEQDLEKTFAVAKQHALQVLPILTFAKLADGSEIVPDYDIFDSKLREQF
LGGYDDSDDEEDHCFAEIITEQEKLEVLAKFKKEVDAKYIETKRSIVQHITQ
;
_entity_poly.pdbx_strand_id   A
#
# COMPACT_ATOMS: atom_id res chain seq x y z
N GLN A 26 -41.42 -8.10 48.63
CA GLN A 26 -42.50 -7.13 48.53
C GLN A 26 -42.05 -5.93 47.73
N ASP A 27 -40.78 -5.91 47.34
CA ASP A 27 -40.26 -4.84 46.53
C ASP A 27 -39.55 -5.45 45.37
N ALA A 28 -39.59 -4.81 44.23
CA ALA A 28 -38.98 -5.38 43.08
C ALA A 28 -37.59 -4.91 43.04
N ILE A 29 -36.91 -5.24 41.96
CA ILE A 29 -35.53 -4.74 41.78
C ILE A 29 -35.22 -4.51 40.32
N GLN A 30 -34.22 -3.66 40.03
CA GLN A 30 -33.91 -3.48 38.66
C GLN A 30 -32.76 -4.37 38.23
N ILE A 31 -33.15 -5.47 37.59
CA ILE A 31 -32.21 -6.31 36.91
C ILE A 31 -31.27 -5.47 36.08
N ILE A 32 -31.77 -4.50 35.36
CA ILE A 32 -30.87 -3.64 34.64
C ILE A 32 -31.30 -2.22 34.79
N ASP A 33 -30.43 -1.39 35.34
CA ASP A 33 -30.82 -0.03 35.64
C ASP A 33 -30.77 0.82 34.37
N GLU A 34 -31.12 2.10 34.51
CA GLU A 34 -31.28 3.05 33.39
C GLU A 34 -30.10 3.01 32.43
N ASN A 35 -28.90 3.01 33.02
CA ASN A 35 -27.65 3.04 32.28
C ASN A 35 -26.98 1.64 32.08
N LYS A 36 -27.81 0.62 31.90
CA LYS A 36 -27.36 -0.67 31.38
C LYS A 36 -26.65 -1.64 32.35
N HIS A 37 -26.51 -1.25 33.62
CA HIS A 37 -25.96 -2.16 34.63
C HIS A 37 -26.89 -3.29 35.07
N PHE A 38 -26.67 -4.44 34.46
CA PHE A 38 -27.20 -5.71 34.94
C PHE A 38 -26.86 -5.91 36.39
N ASN A 39 -27.78 -6.54 37.11
CA ASN A 39 -27.77 -6.58 38.56
C ASN A 39 -27.19 -7.86 39.05
N THR A 40 -26.38 -7.72 40.09
CA THR A 40 -25.73 -8.86 40.74
C THR A 40 -26.55 -9.71 41.72
N GLY A 41 -27.40 -9.08 42.53
CA GLY A 41 -28.18 -9.73 43.64
C GLY A 41 -29.55 -10.31 43.27
N ILE A 42 -29.72 -10.60 41.98
CA ILE A 42 -30.99 -11.03 41.41
C ILE A 42 -31.39 -12.46 41.90
N LEU A 43 -30.52 -13.45 41.67
CA LEU A 43 -30.74 -14.83 42.14
C LEU A 43 -31.07 -14.77 43.61
N ASP A 44 -30.21 -14.13 44.39
CA ASP A 44 -30.47 -13.98 45.80
C ASP A 44 -31.88 -13.45 46.01
N TYR A 45 -32.19 -12.32 45.38
CA TYR A 45 -33.50 -11.71 45.51
C TYR A 45 -34.63 -12.69 45.22
N ILE A 46 -34.52 -13.39 44.09
CA ILE A 46 -35.58 -14.24 43.63
C ILE A 46 -35.91 -15.34 44.63
N ASN A 47 -34.86 -15.95 45.17
CA ASN A 47 -35.06 -17.00 46.13
C ASN A 47 -35.60 -16.54 47.45
N LYS A 48 -35.32 -15.30 47.82
CA LYS A 48 -35.88 -14.70 49.03
C LYS A 48 -37.37 -14.24 48.97
N THR A 49 -37.97 -14.27 47.79
CA THR A 49 -39.34 -13.82 47.61
C THR A 49 -40.31 -14.91 47.99
N SER A 50 -40.38 -15.95 47.15
CA SER A 50 -41.16 -17.13 47.49
C SER A 50 -40.23 -18.00 48.33
N PRO A 51 -40.68 -18.36 49.54
CA PRO A 51 -39.90 -19.26 50.40
C PRO A 51 -39.82 -20.66 49.82
N ALA A 52 -40.72 -20.96 48.90
CA ALA A 52 -40.60 -22.15 48.09
C ALA A 52 -39.26 -22.18 47.39
N ASP A 53 -38.78 -23.39 47.17
CA ASP A 53 -37.60 -23.59 46.38
C ASP A 53 -38.06 -23.40 44.96
N VAL A 54 -37.40 -22.50 44.27
CA VAL A 54 -37.64 -22.36 42.87
C VAL A 54 -36.64 -23.22 42.15
N GLY A 55 -37.13 -24.12 41.33
CA GLY A 55 -36.13 -25.00 40.75
C GLY A 55 -36.32 -24.96 39.22
N ASN A 56 -37.23 -25.69 38.64
CA ASN A 56 -37.41 -25.47 37.32
C ASN A 56 -38.96 -25.08 37.36
N ASN A 57 -39.41 -24.83 38.59
CA ASN A 57 -40.81 -24.44 38.74
C ASN A 57 -41.10 -22.95 38.70
N TYR A 58 -41.11 -22.42 37.48
CA TYR A 58 -41.13 -20.96 37.34
C TYR A 58 -41.46 -20.56 35.92
N HIS A 59 -42.09 -19.39 35.81
CA HIS A 59 -42.25 -18.76 34.52
C HIS A 59 -41.63 -17.38 34.44
N ILE A 60 -41.14 -17.06 33.26
CA ILE A 60 -40.66 -15.68 32.99
C ILE A 60 -41.62 -15.04 32.04
N ILE A 61 -42.24 -13.96 32.53
CA ILE A 61 -43.20 -13.12 31.79
C ILE A 61 -42.76 -11.68 31.82
N SER A 62 -42.76 -11.07 30.64
CA SER A 62 -42.46 -9.62 30.54
C SER A 62 -43.38 -8.71 29.67
N VAL A 63 -43.22 -7.41 29.88
CA VAL A 63 -44.07 -6.45 29.14
C VAL A 63 -43.28 -5.56 28.19
N PHE A 64 -43.79 -5.31 26.99
CA PHE A 64 -43.21 -4.35 26.07
C PHE A 64 -44.25 -3.39 25.49
N GLY A 65 -43.93 -2.08 25.54
CA GLY A 65 -44.55 -1.03 24.66
C GLY A 65 -44.29 0.47 24.85
N SER A 66 -45.02 1.32 24.09
CA SER A 66 -44.79 2.77 24.13
C SER A 66 -44.95 3.35 25.51
N GLN A 67 -44.26 4.45 25.77
CA GLN A 67 -44.27 5.10 27.05
C GLN A 67 -45.69 5.39 27.52
N SER A 68 -45.90 5.14 28.80
CA SER A 68 -47.17 5.34 29.44
C SER A 68 -48.38 4.72 28.80
N THR A 69 -48.23 3.55 28.22
CA THR A 69 -49.41 2.74 27.78
C THR A 69 -50.12 1.94 28.91
N GLY A 70 -49.69 2.13 30.19
CA GLY A 70 -50.34 1.56 31.37
C GLY A 70 -49.86 0.14 31.62
N LYS A 71 -48.56 -0.06 31.57
CA LYS A 71 -47.98 -1.40 31.61
C LYS A 71 -47.72 -1.76 33.04
N SER A 72 -47.01 -0.91 33.71
CA SER A 72 -46.80 -1.09 35.11
C SER A 72 -48.17 -1.27 35.82
N THR A 73 -49.18 -0.59 35.31
CA THR A 73 -50.54 -0.69 35.79
C THR A 73 -51.08 -2.10 35.52
N LEU A 74 -50.87 -2.60 34.31
CA LEU A 74 -51.45 -3.87 33.96
C LEU A 74 -50.79 -5.05 34.71
N LEU A 75 -49.47 -5.04 34.82
CA LEU A 75 -48.77 -6.04 35.66
C LEU A 75 -49.36 -6.03 37.07
N ASN A 76 -49.18 -4.93 37.78
CA ASN A 76 -49.86 -4.65 39.02
C ASN A 76 -51.24 -5.21 39.18
N ARG A 77 -52.04 -5.10 38.15
CA ARG A 77 -53.44 -5.43 38.31
C ARG A 77 -53.69 -6.86 38.06
N LEU A 78 -52.85 -7.49 37.24
CA LEU A 78 -53.13 -8.84 36.77
C LEU A 78 -52.29 -9.88 37.56
N PHE A 79 -51.02 -9.61 37.71
CA PHE A 79 -50.18 -10.27 38.72
C PHE A 79 -50.39 -9.29 39.84
N ASN A 80 -49.78 -9.43 41.00
CA ASN A 80 -50.25 -8.44 41.97
C ASN A 80 -49.11 -7.70 42.57
N THR A 81 -48.37 -7.09 41.65
CA THR A 81 -47.09 -6.52 41.94
C THR A 81 -47.27 -5.09 42.41
N ASN A 82 -46.19 -4.35 42.58
CA ASN A 82 -46.28 -2.96 43.03
C ASN A 82 -45.32 -1.92 42.35
N PHE A 83 -45.09 -2.15 41.07
CA PHE A 83 -44.30 -1.28 40.26
C PHE A 83 -44.93 0.08 40.43
N ASP A 84 -44.10 1.11 40.55
CA ASP A 84 -44.61 2.48 40.50
C ASP A 84 -45.51 2.65 39.29
N VAL A 85 -46.39 3.65 39.29
CA VAL A 85 -47.08 4.01 38.05
C VAL A 85 -47.07 5.50 37.95
N MET A 86 -47.34 6.03 36.76
CA MET A 86 -47.21 7.48 36.47
C MET A 86 -48.20 8.22 37.33
N ASP A 87 -47.76 9.22 38.08
CA ASP A 87 -48.79 10.09 38.71
C ASP A 87 -49.34 11.11 37.68
N GLU A 88 -50.66 11.19 37.66
CA GLU A 88 -51.36 11.67 36.48
C GLU A 88 -51.32 13.18 36.32
N LEU A 89 -50.79 13.84 37.32
CA LEU A 89 -50.48 15.26 37.23
C LEU A 89 -49.71 15.68 35.98
N ASN A 90 -48.75 14.85 35.56
CA ASN A 90 -47.95 15.08 34.34
C ASN A 90 -47.67 13.82 33.58
N ARG A 91 -47.89 13.82 32.28
CA ARG A 91 -47.43 12.70 31.42
C ARG A 91 -45.91 12.66 31.20
N GLN A 92 -45.30 11.58 31.67
CA GLN A 92 -43.85 11.50 31.79
C GLN A 92 -43.44 10.03 31.93
N GLN A 93 -42.18 9.74 31.68
CA GLN A 93 -41.65 8.41 31.81
C GLN A 93 -41.65 8.02 33.29
N THR A 94 -41.94 6.75 33.60
CA THR A 94 -42.03 6.33 34.99
C THR A 94 -41.20 5.09 35.30
N THR A 95 -41.54 3.94 34.77
CA THR A 95 -40.65 2.83 34.79
C THR A 95 -39.32 3.23 34.10
N LYS A 96 -38.22 3.05 34.83
CA LYS A 96 -36.89 3.30 34.27
C LYS A 96 -36.01 2.04 34.38
N GLY A 97 -35.48 1.62 33.24
CA GLY A 97 -34.68 0.42 33.19
C GLY A 97 -35.64 -0.72 33.15
N ILE A 98 -35.22 -1.86 33.64
CA ILE A 98 -36.08 -3.05 33.72
C ILE A 98 -36.24 -3.50 35.17
N TRP A 99 -37.44 -3.97 35.49
CA TRP A 99 -37.71 -4.40 36.85
C TRP A 99 -38.29 -5.81 36.89
N LEU A 100 -38.05 -6.44 38.05
CA LEU A 100 -38.52 -7.79 38.30
C LEU A 100 -39.09 -7.91 39.67
N ALA A 101 -40.26 -8.52 39.71
CA ALA A 101 -40.96 -8.82 40.90
C ALA A 101 -41.62 -10.15 40.68
N TYR A 102 -41.80 -10.84 41.83
CA TYR A 102 -42.57 -12.10 41.97
C TYR A 102 -44.04 -11.79 42.21
N SER A 103 -44.90 -12.40 41.41
CA SER A 103 -46.34 -12.30 41.62
C SER A 103 -46.89 -13.14 42.82
N PRO A 104 -47.35 -12.47 43.90
CA PRO A 104 -48.02 -13.17 44.99
C PRO A 104 -49.19 -14.00 44.49
N VAL A 105 -50.23 -13.32 44.03
CA VAL A 105 -51.35 -13.99 43.41
C VAL A 105 -51.74 -13.41 42.04
N VAL A 106 -52.54 -14.18 41.31
CA VAL A 106 -53.03 -13.79 40.04
C VAL A 106 -54.50 -13.48 40.12
N SER A 107 -54.85 -12.24 39.79
CA SER A 107 -56.23 -11.88 39.74
C SER A 107 -56.96 -12.57 38.59
N THR A 108 -58.03 -13.24 38.96
CA THR A 108 -58.82 -14.10 38.11
C THR A 108 -60.30 -13.90 38.48
N THR A 109 -61.18 -14.53 37.70
CA THR A 109 -62.56 -14.26 37.87
C THR A 109 -63.06 -14.87 39.19
N LEU A 110 -62.30 -15.82 39.71
CA LEU A 110 -62.56 -16.43 41.03
C LEU A 110 -62.01 -15.56 42.16
N GLY A 111 -61.47 -14.40 41.81
CA GLY A 111 -60.85 -13.52 42.79
C GLY A 111 -59.37 -13.77 42.73
N HIS A 112 -58.69 -13.70 43.87
CA HIS A 112 -57.25 -13.98 43.86
C HIS A 112 -56.88 -15.48 43.87
N THR A 113 -55.84 -15.83 43.15
CA THR A 113 -55.46 -17.20 43.03
C THR A 113 -53.99 -17.32 42.96
N THR A 114 -53.44 -18.02 43.91
CA THR A 114 -52.11 -18.54 43.84
C THR A 114 -51.93 -19.48 42.67
N SER A 115 -50.74 -19.55 42.12
CA SER A 115 -50.50 -20.55 41.10
C SER A 115 -49.48 -21.56 41.57
N LYS A 116 -49.54 -22.69 40.87
CA LYS A 116 -48.60 -23.80 40.98
C LYS A 116 -47.19 -23.27 40.84
N SER A 117 -46.83 -22.80 39.63
CA SER A 117 -45.46 -22.24 39.37
C SER A 117 -45.24 -20.86 40.00
N ASN A 118 -43.98 -20.51 40.25
CA ASN A 118 -43.64 -19.15 40.62
C ASN A 118 -43.68 -18.28 39.38
N ILE A 119 -44.37 -17.15 39.45
CA ILE A 119 -44.41 -16.31 38.27
C ILE A 119 -43.58 -15.06 38.46
N LEU A 120 -42.57 -14.98 37.62
CA LEU A 120 -41.60 -13.90 37.68
C LEU A 120 -41.88 -12.95 36.55
N VAL A 121 -42.17 -11.71 36.94
CA VAL A 121 -42.66 -10.71 36.00
C VAL A 121 -41.67 -9.56 35.82
N MET A 122 -41.31 -9.32 34.56
CA MET A 122 -40.38 -8.23 34.23
C MET A 122 -41.02 -6.96 33.67
N ASP A 123 -40.88 -5.87 34.42
CA ASP A 123 -41.42 -4.55 33.99
C ASP A 123 -40.39 -3.75 33.26
N VAL A 124 -40.58 -3.56 31.96
CA VAL A 124 -39.57 -2.88 31.15
C VAL A 124 -40.03 -1.49 30.77
N GLU A 125 -39.14 -0.50 30.96
CA GLU A 125 -39.33 0.91 30.58
C GLU A 125 -39.89 1.07 29.17
N GLY A 126 -40.90 1.96 29.01
CA GLY A 126 -41.69 2.06 27.77
C GLY A 126 -40.94 2.69 26.61
N THR A 127 -41.22 2.28 25.39
CA THR A 127 -40.52 2.81 24.25
C THR A 127 -41.01 4.17 23.82
N ASP A 128 -40.15 4.99 23.27
CA ASP A 128 -40.58 6.15 22.57
C ASP A 128 -41.00 7.21 23.51
N GLY A 129 -40.25 7.36 24.57
CA GLY A 129 -40.59 8.41 25.50
C GLY A 129 -39.91 9.61 24.91
N ARG A 130 -40.28 10.80 25.36
CA ARG A 130 -39.56 11.98 25.00
C ARG A 130 -38.44 12.38 25.87
N GLU A 131 -38.44 11.96 27.13
CA GLU A 131 -37.21 12.07 27.92
C GLU A 131 -35.95 11.60 27.15
N ARG A 132 -36.00 10.45 26.49
CA ARG A 132 -34.98 10.08 25.55
C ARG A 132 -35.65 10.00 24.21
N GLY A 133 -35.41 11.01 23.37
CA GLY A 133 -36.23 11.18 22.18
C GLY A 133 -35.52 10.54 21.04
N GLU A 134 -34.27 10.98 20.94
CA GLU A 134 -33.41 10.71 19.82
C GLU A 134 -32.59 9.40 19.98
N ASP A 135 -32.03 9.16 21.18
CA ASP A 135 -31.31 7.87 21.39
C ASP A 135 -32.19 6.69 21.77
N GLN A 136 -32.78 6.08 20.76
CA GLN A 136 -33.44 4.82 20.89
C GLN A 136 -32.43 3.70 21.27
N ASP A 137 -31.18 4.03 21.59
CA ASP A 137 -30.26 3.02 22.10
C ASP A 137 -30.96 2.04 23.04
N PHE A 138 -31.45 2.56 24.17
CA PHE A 138 -31.86 1.68 25.25
C PHE A 138 -33.14 0.87 24.95
N GLU A 139 -34.03 1.44 24.20
CA GLU A 139 -35.28 0.78 23.96
C GLU A 139 -35.03 -0.44 23.14
N ARG A 140 -34.20 -0.35 22.13
CA ARG A 140 -33.86 -1.50 21.28
C ARG A 140 -33.25 -2.59 22.11
N LYS A 141 -32.41 -2.19 23.01
CA LYS A 141 -31.66 -3.14 23.77
C LYS A 141 -32.56 -3.89 24.74
N ALA A 142 -33.20 -3.18 25.69
CA ALA A 142 -34.19 -3.79 26.62
C ALA A 142 -35.30 -4.54 25.89
N ALA A 143 -35.67 -4.12 24.70
CA ALA A 143 -36.74 -4.80 23.99
C ALA A 143 -36.25 -6.17 23.60
N LEU A 144 -34.95 -6.29 23.35
CA LEU A 144 -34.39 -7.58 22.91
C LEU A 144 -34.01 -8.47 24.06
N PHE A 145 -33.53 -7.92 25.19
CA PHE A 145 -33.35 -8.73 26.40
C PHE A 145 -34.65 -9.43 26.65
N ALA A 146 -35.67 -8.64 26.94
CA ALA A 146 -36.99 -9.16 27.16
C ALA A 146 -37.32 -10.26 26.18
N LEU A 147 -37.21 -9.98 24.89
CA LEU A 147 -37.69 -10.95 23.92
C LEU A 147 -36.86 -12.24 24.01
N SER A 148 -35.59 -12.10 24.37
CA SER A 148 -34.64 -13.19 24.36
C SER A 148 -34.71 -14.06 25.61
N THR A 149 -35.29 -13.52 26.66
CA THR A 149 -35.13 -14.02 27.98
C THR A 149 -36.43 -14.51 28.64
N SER A 150 -37.53 -14.38 27.93
CA SER A 150 -38.87 -14.56 28.49
C SER A 150 -39.61 -15.70 27.83
N GLU A 151 -40.46 -16.38 28.57
CA GLU A 151 -41.29 -17.39 27.94
C GLU A 151 -42.44 -16.72 27.24
N VAL A 152 -42.97 -15.68 27.87
CA VAL A 152 -44.11 -14.94 27.29
C VAL A 152 -43.88 -13.46 27.31
N LEU A 153 -44.10 -12.82 26.17
CA LEU A 153 -43.95 -11.38 26.03
C LEU A 153 -45.28 -10.65 25.75
N ILE A 154 -45.71 -9.82 26.70
CA ILE A 154 -46.91 -9.07 26.45
C ILE A 154 -46.57 -7.83 25.61
N ILE A 155 -47.04 -7.82 24.37
CA ILE A 155 -46.96 -6.56 23.60
C ILE A 155 -48.19 -5.70 23.94
N ASN A 156 -47.98 -4.69 24.75
CA ASN A 156 -49.06 -3.88 25.23
C ASN A 156 -49.39 -2.59 24.39
N ILE A 157 -50.43 -2.62 23.56
CA ILE A 157 -50.77 -1.49 22.68
C ILE A 157 -52.12 -0.81 22.89
N TRP A 158 -52.27 0.44 22.47
CA TRP A 158 -53.58 1.03 22.47
C TRP A 158 -54.24 0.57 21.22
N GLU A 159 -55.56 0.46 21.24
CA GLU A 159 -56.27 0.11 20.05
C GLU A 159 -55.82 1.06 18.98
N THR A 160 -55.65 2.34 19.35
CA THR A 160 -55.35 3.38 18.41
C THR A 160 -53.93 3.38 17.88
N GLN A 161 -53.10 2.45 18.36
CA GLN A 161 -51.83 2.18 17.68
C GLN A 161 -52.02 1.09 16.62
N VAL A 162 -53.16 0.46 16.46
CA VAL A 162 -53.15 -0.74 15.64
C VAL A 162 -52.76 -0.50 14.18
N GLY A 163 -53.45 0.35 13.46
CA GLY A 163 -52.99 0.56 12.07
C GLY A 163 -51.75 1.45 11.85
N LEU A 164 -50.97 1.67 12.90
CA LEU A 164 -49.87 2.54 12.85
C LEU A 164 -48.63 1.73 12.51
N TYR A 165 -47.61 2.46 12.07
CA TYR A 165 -46.30 1.95 11.73
C TYR A 165 -45.29 2.21 12.82
N GLN A 166 -44.94 3.44 13.11
CA GLN A 166 -43.99 3.69 14.16
C GLN A 166 -44.63 3.86 15.50
N GLY A 167 -45.85 4.35 15.46
CA GLY A 167 -46.79 4.47 16.58
C GLY A 167 -47.26 3.13 17.09
N ALA A 168 -47.23 2.09 16.26
CA ALA A 168 -47.29 0.68 16.71
C ALA A 168 -45.89 0.09 16.95
N ASN A 169 -44.85 0.93 17.04
CA ASN A 169 -43.46 0.45 17.27
C ASN A 169 -42.86 -0.52 16.20
N MET A 170 -43.51 -0.64 15.03
CA MET A 170 -43.05 -1.55 13.96
C MET A 170 -41.54 -1.38 13.51
N GLY A 171 -41.00 -0.20 13.72
CA GLY A 171 -39.62 0.04 13.40
C GLY A 171 -38.82 -0.62 14.45
N LEU A 172 -38.88 -0.11 15.68
CA LEU A 172 -38.20 -0.74 16.83
C LEU A 172 -38.27 -2.25 16.72
N LEU A 173 -39.42 -2.79 16.41
CA LEU A 173 -39.59 -4.24 16.35
C LEU A 173 -38.72 -4.88 15.25
N LYS A 174 -38.85 -4.42 14.02
CA LYS A 174 -38.05 -4.93 12.92
C LYS A 174 -36.60 -5.12 13.34
N THR A 175 -36.02 -4.09 13.91
CA THR A 175 -34.70 -4.21 14.48
C THR A 175 -34.72 -5.38 15.44
N VAL A 176 -35.44 -5.25 16.54
CA VAL A 176 -35.27 -6.16 17.64
C VAL A 176 -35.35 -7.62 17.21
N PHE A 177 -36.27 -7.94 16.34
CA PHE A 177 -36.43 -9.32 15.94
C PHE A 177 -35.19 -9.73 15.18
N GLU A 178 -34.84 -8.91 14.22
CA GLU A 178 -33.71 -9.15 13.32
C GLU A 178 -32.45 -9.54 14.05
N VAL A 179 -32.00 -8.70 14.98
CA VAL A 179 -30.82 -9.01 15.76
C VAL A 179 -31.07 -10.32 16.52
N ASN A 180 -32.27 -10.47 17.03
CA ASN A 180 -32.65 -11.68 17.73
C ASN A 180 -32.37 -12.92 16.89
N LEU A 181 -32.70 -12.86 15.62
CA LEU A 181 -32.36 -13.93 14.69
C LEU A 181 -30.85 -14.00 14.40
N SER A 182 -30.24 -12.84 14.21
CA SER A 182 -28.86 -12.75 13.85
C SER A 182 -27.98 -13.06 15.02
N LEU A 183 -28.55 -13.25 16.19
CA LEU A 183 -27.74 -13.39 17.39
C LEU A 183 -28.10 -14.57 18.27
N PHE A 184 -29.32 -15.06 18.20
CA PHE A 184 -29.70 -16.34 18.89
C PHE A 184 -30.74 -17.20 18.17
N GLY A 185 -31.20 -16.84 16.99
CA GLY A 185 -31.89 -17.81 16.16
C GLY A 185 -30.91 -18.88 15.69
N LYS A 186 -29.64 -18.68 16.04
CA LYS A 186 -28.54 -19.65 15.88
C LYS A 186 -28.72 -20.96 16.64
N SER A 187 -28.78 -20.84 17.95
CA SER A 187 -29.03 -21.97 18.80
C SER A 187 -30.33 -22.56 18.35
N LYS A 188 -30.34 -23.85 18.11
CA LYS A 188 -31.58 -24.49 17.76
C LYS A 188 -31.35 -25.82 17.07
N LEU A 189 -31.93 -26.00 15.91
CA LEU A 189 -31.91 -27.31 15.31
C LEU A 189 -31.59 -28.31 16.40
N GLU A 190 -31.21 -27.78 17.55
CA GLU A 190 -31.12 -28.56 18.76
C GLU A 190 -32.49 -28.49 19.41
N THR A 191 -33.10 -29.66 19.56
CA THR A 191 -34.52 -29.77 19.79
C THR A 191 -35.09 -29.49 21.21
N HIS A 192 -34.90 -28.27 21.73
CA HIS A 192 -35.57 -27.84 22.97
C HIS A 192 -36.98 -27.50 22.60
N ASN A 193 -37.87 -27.14 23.54
CA ASN A 193 -37.62 -26.46 24.81
C ASN A 193 -36.76 -25.29 24.52
N ASP A 194 -36.70 -25.00 23.23
CA ASP A 194 -36.03 -23.84 22.77
C ASP A 194 -36.95 -22.79 23.26
N HIS A 195 -36.62 -21.59 22.89
CA HIS A 195 -37.45 -20.46 23.06
C HIS A 195 -38.25 -20.24 21.87
N LYS A 196 -39.41 -20.84 21.86
CA LYS A 196 -40.51 -20.28 21.18
C LYS A 196 -40.84 -19.38 22.31
N VAL A 197 -41.21 -18.17 22.01
CA VAL A 197 -41.78 -17.29 23.02
C VAL A 197 -43.19 -16.91 22.54
N LEU A 198 -44.11 -16.76 23.51
CA LEU A 198 -45.44 -16.30 23.24
C LEU A 198 -45.48 -14.79 23.17
N LEU A 199 -46.11 -14.30 22.09
CA LEU A 199 -46.32 -12.88 21.89
C LEU A 199 -47.76 -12.55 22.30
N LEU A 200 -47.85 -11.96 23.49
CA LEU A 200 -49.15 -11.84 24.13
C LEU A 200 -49.48 -10.46 23.99
N ILE A 201 -50.42 -10.26 23.10
CA ILE A 201 -50.65 -8.92 22.69
C ILE A 201 -51.95 -8.45 23.19
N VAL A 202 -51.83 -7.58 24.17
CA VAL A 202 -52.99 -7.01 24.83
C VAL A 202 -53.28 -5.52 24.36
N ILE A 203 -54.50 -5.39 23.85
CA ILE A 203 -55.04 -4.15 23.38
C ILE A 203 -55.75 -3.37 24.46
N ARG A 204 -55.13 -2.30 24.92
CA ARG A 204 -55.74 -1.30 25.82
C ARG A 204 -56.57 -0.09 25.36
N ASP A 205 -57.57 0.29 26.18
CA ASP A 205 -58.74 1.17 25.85
C ASP A 205 -59.59 0.74 24.66
N HIS A 206 -59.90 -0.54 24.60
CA HIS A 206 -60.65 -1.14 23.48
C HIS A 206 -62.07 -0.71 23.54
N VAL A 207 -62.60 -0.05 22.52
CA VAL A 207 -64.00 0.39 22.67
C VAL A 207 -65.02 -0.68 22.27
N GLY A 208 -64.78 -1.44 21.22
CA GLY A 208 -65.62 -2.56 20.92
C GLY A 208 -66.22 -2.37 19.56
N VAL A 209 -66.39 -1.13 19.24
CA VAL A 209 -66.70 -0.74 17.89
C VAL A 209 -65.98 -1.61 16.84
N THR A 210 -64.67 -1.81 17.00
CA THR A 210 -63.91 -2.66 16.10
C THR A 210 -63.59 -3.95 16.82
N PRO A 211 -63.98 -5.09 16.24
CA PRO A 211 -63.78 -6.38 16.86
C PRO A 211 -62.35 -6.71 17.10
N VAL A 212 -61.97 -7.12 18.30
CA VAL A 212 -60.59 -7.60 18.58
C VAL A 212 -60.10 -8.56 17.52
N GLU A 213 -60.88 -9.53 17.17
CA GLU A 213 -60.49 -10.44 16.08
C GLU A 213 -60.02 -9.69 14.81
N SER A 214 -60.60 -8.52 14.55
CA SER A 214 -60.22 -7.64 13.44
C SER A 214 -58.89 -6.94 13.75
N LEU A 215 -58.82 -6.24 14.87
CA LEU A 215 -57.54 -5.74 15.32
C LEU A 215 -56.43 -6.81 15.20
N ALA A 216 -56.70 -8.00 15.71
CA ALA A 216 -55.76 -9.09 15.70
C ALA A 216 -55.29 -9.40 14.31
N LYS A 217 -56.19 -9.60 13.36
CA LYS A 217 -55.84 -9.88 11.96
C LYS A 217 -54.78 -8.86 11.44
N THR A 218 -55.16 -7.59 11.46
CA THR A 218 -54.27 -6.50 11.12
C THR A 218 -52.92 -6.63 11.76
N PHE A 219 -52.88 -6.62 13.04
CA PHE A 219 -51.60 -6.56 13.70
C PHE A 219 -50.78 -7.81 13.57
N THR A 220 -51.39 -8.95 13.25
CA THR A 220 -50.56 -10.13 13.06
C THR A 220 -49.97 -10.00 11.67
N LEU A 221 -50.79 -9.56 10.72
CA LEU A 221 -50.30 -9.18 9.40
C LEU A 221 -49.10 -8.24 9.52
N ASP A 222 -49.24 -7.12 10.20
CA ASP A 222 -48.09 -6.26 10.49
C ASP A 222 -46.86 -7.00 11.01
N LEU A 223 -47.06 -8.06 11.78
CA LEU A 223 -45.93 -8.80 12.32
C LEU A 223 -45.36 -9.74 11.28
N GLN A 224 -46.21 -10.32 10.45
CA GLN A 224 -45.76 -11.19 9.35
C GLN A 224 -44.87 -10.38 8.39
N ASN A 225 -45.37 -9.24 7.95
CA ASN A 225 -44.58 -8.33 7.18
C ASN A 225 -43.28 -7.98 7.87
N MET A 226 -43.29 -7.54 9.13
CA MET A 226 -42.01 -7.26 9.78
C MET A 226 -41.04 -8.42 9.51
N TRP A 227 -41.61 -9.63 9.45
CA TRP A 227 -40.80 -10.83 9.38
C TRP A 227 -40.11 -10.94 8.03
N SER A 228 -40.88 -10.89 6.94
CA SER A 228 -40.25 -10.73 5.60
C SER A 228 -39.31 -9.54 5.47
N SER A 229 -39.46 -8.53 6.30
CA SER A 229 -38.61 -7.36 6.13
C SER A 229 -37.19 -7.50 6.72
N LEU A 230 -36.84 -8.60 7.37
CA LEU A 230 -35.54 -8.57 8.08
C LEU A 230 -34.33 -9.28 7.46
N ALA A 231 -33.19 -8.67 7.72
CA ALA A 231 -31.90 -9.26 7.40
C ALA A 231 -31.80 -10.65 8.00
N LYS A 232 -31.51 -11.62 7.16
CA LYS A 232 -31.40 -12.96 7.64
C LYS A 232 -30.11 -13.63 7.15
N PRO A 233 -29.25 -14.07 8.10
CA PRO A 233 -28.12 -14.91 7.73
C PRO A 233 -28.61 -16.17 7.01
N ALA A 234 -27.93 -16.45 5.90
CA ALA A 234 -28.48 -17.31 4.87
C ALA A 234 -28.79 -18.74 5.35
N GLU A 235 -28.17 -19.14 6.46
CA GLU A 235 -28.48 -20.42 7.05
C GLU A 235 -29.94 -20.43 7.46
N LEU A 236 -30.45 -19.27 7.88
CA LEU A 236 -31.78 -19.17 8.47
C LEU A 236 -32.84 -18.57 7.55
N GLU A 237 -32.41 -18.12 6.37
CA GLU A 237 -33.31 -17.51 5.40
C GLU A 237 -34.64 -18.27 5.25
N HIS A 238 -34.64 -19.57 5.43
CA HIS A 238 -35.85 -20.41 5.27
C HIS A 238 -36.81 -20.27 6.46
N LEU A 239 -36.27 -19.84 7.60
CA LEU A 239 -37.02 -19.82 8.85
C LEU A 239 -38.23 -18.85 8.87
N GLN A 240 -39.35 -19.34 9.40
CA GLN A 240 -40.58 -18.55 9.49
C GLN A 240 -40.89 -17.98 10.88
N PHE A 241 -41.88 -17.10 10.93
CA PHE A 241 -42.27 -16.43 12.18
C PHE A 241 -42.92 -17.42 13.15
N ALA A 242 -43.70 -18.34 12.61
CA ALA A 242 -44.32 -19.35 13.41
C ALA A 242 -43.29 -20.31 14.00
N ASP A 243 -42.19 -20.47 13.31
CA ASP A 243 -41.15 -21.33 13.81
C ASP A 243 -40.68 -20.83 15.17
N PHE A 244 -40.66 -19.53 15.31
CA PHE A 244 -40.00 -18.91 16.45
C PHE A 244 -40.95 -18.40 17.52
N PHE A 245 -42.23 -18.28 17.18
CA PHE A 245 -43.14 -17.40 17.93
C PHE A 245 -44.59 -17.80 17.77
N ASP A 246 -45.30 -17.83 18.89
CA ASP A 246 -46.74 -17.93 18.87
C ASP A 246 -47.29 -16.50 19.13
N VAL A 247 -48.49 -16.21 18.62
CA VAL A 247 -49.20 -14.95 18.95
C VAL A 247 -50.61 -15.24 19.40
N THR A 248 -51.01 -14.61 20.50
CA THR A 248 -52.43 -14.52 20.88
C THR A 248 -52.78 -13.10 21.32
N PHE A 249 -54.09 -12.84 21.50
CA PHE A 249 -54.62 -11.49 21.83
C PHE A 249 -55.57 -11.36 23.01
N HIS A 250 -55.54 -10.23 23.69
CA HIS A 250 -56.53 -9.95 24.71
C HIS A 250 -56.88 -8.47 24.78
N ALA A 251 -58.12 -8.13 24.45
CA ALA A 251 -58.62 -6.75 24.64
C ALA A 251 -59.03 -6.37 26.07
N LEU A 252 -58.86 -5.13 26.43
CA LEU A 252 -59.13 -4.56 27.71
C LEU A 252 -59.76 -3.15 27.64
N ASN A 253 -60.98 -3.02 28.13
CA ASN A 253 -61.75 -1.77 28.08
C ASN A 253 -61.08 -0.63 28.77
N HIS A 254 -61.63 0.53 28.55
CA HIS A 254 -61.09 1.72 29.12
C HIS A 254 -61.03 1.63 30.62
N LYS A 255 -59.84 1.65 31.16
CA LYS A 255 -59.68 1.54 32.58
C LYS A 255 -60.39 2.70 33.28
N VAL A 256 -60.08 3.95 32.99
CA VAL A 256 -60.80 5.04 33.70
C VAL A 256 -62.33 5.13 33.45
N LEU A 257 -62.76 4.99 32.21
CA LEU A 257 -64.15 5.14 31.87
C LEU A 257 -64.95 3.85 31.94
N GLN A 258 -64.32 2.72 32.19
CA GLN A 258 -65.11 1.49 32.27
C GLN A 258 -64.47 0.57 33.25
N PRO A 259 -64.28 1.02 34.51
CA PRO A 259 -63.46 0.40 35.57
C PRO A 259 -63.78 -1.08 35.82
N LYS A 260 -65.07 -1.38 35.76
CA LYS A 260 -65.52 -2.68 36.01
C LYS A 260 -65.21 -3.56 34.82
N GLU A 261 -65.57 -3.16 33.63
CA GLU A 261 -65.32 -3.99 32.46
C GLU A 261 -63.81 -4.21 32.27
N PHE A 262 -63.04 -3.23 32.73
CA PHE A 262 -61.60 -3.35 32.77
C PHE A 262 -61.24 -4.47 33.75
N GLY A 263 -61.52 -4.27 35.03
CA GLY A 263 -61.41 -5.35 36.01
C GLY A 263 -61.82 -6.76 35.57
N GLU A 264 -62.98 -6.90 34.94
CA GLU A 264 -63.42 -8.22 34.54
C GLU A 264 -62.49 -8.69 33.44
N GLY A 265 -62.11 -7.78 32.55
CA GLY A 265 -61.18 -8.09 31.45
C GLY A 265 -59.84 -8.63 31.91
N ILE A 266 -59.26 -8.00 32.93
CA ILE A 266 -58.06 -8.48 33.60
C ILE A 266 -58.24 -9.88 34.16
N ASN A 267 -59.30 -10.09 34.93
CA ASN A 267 -59.64 -11.39 35.53
C ASN A 267 -59.81 -12.48 34.49
N ARG A 268 -60.58 -12.16 33.48
CA ARG A 268 -60.66 -12.99 32.31
C ARG A 268 -59.27 -13.40 31.81
N LEU A 269 -58.31 -12.47 31.84
CA LEU A 269 -56.89 -12.77 31.46
C LEU A 269 -56.15 -13.58 32.54
N GLY A 270 -56.44 -13.32 33.81
CA GLY A 270 -55.99 -14.17 34.90
C GLY A 270 -56.40 -15.61 34.70
N ASP A 271 -57.64 -15.84 34.26
CA ASP A 271 -58.12 -17.20 34.09
C ASP A 271 -57.44 -17.84 32.91
N ARG A 272 -56.92 -17.00 32.05
CA ARG A 272 -56.36 -17.48 30.82
C ARG A 272 -55.07 -18.20 31.09
N LEU A 273 -54.38 -17.80 32.16
CA LEU A 273 -53.03 -18.31 32.31
C LEU A 273 -52.73 -19.20 33.50
N VAL A 274 -53.75 -19.43 34.31
CA VAL A 274 -53.62 -20.01 35.62
C VAL A 274 -54.78 -20.91 35.90
N VAL A 275 -55.86 -20.79 35.15
CA VAL A 275 -57.14 -21.41 35.51
C VAL A 275 -57.53 -22.36 34.41
N SER A 276 -57.36 -21.88 33.21
CA SER A 276 -57.61 -22.61 32.01
C SER A 276 -56.21 -23.19 31.74
N ASN A 277 -55.19 -22.48 32.23
CA ASN A 277 -53.77 -22.71 31.86
C ASN A 277 -53.60 -22.86 30.36
N GLU A 278 -54.12 -21.90 29.61
CA GLU A 278 -54.08 -21.98 28.17
C GLU A 278 -52.99 -21.15 27.53
N LEU A 279 -52.23 -20.40 28.32
CA LEU A 279 -51.17 -19.48 27.81
C LEU A 279 -49.78 -20.08 27.78
N PHE A 280 -49.11 -20.14 28.93
CA PHE A 280 -47.81 -20.91 29.12
C PHE A 280 -47.85 -22.32 28.52
N LYS A 281 -46.85 -22.67 27.76
CA LYS A 281 -46.67 -24.02 27.39
C LYS A 281 -45.19 -24.35 27.74
N PRO A 282 -44.87 -25.65 27.80
CA PRO A 282 -43.51 -26.14 27.92
C PRO A 282 -42.43 -25.63 26.97
N GLU A 283 -42.77 -25.53 25.68
CA GLU A 283 -41.89 -24.97 24.60
C GLU A 283 -41.32 -23.57 24.85
N TYR A 284 -41.95 -22.80 25.70
CA TYR A 284 -41.49 -21.51 25.94
C TYR A 284 -40.45 -21.63 26.94
N HIS A 285 -40.62 -22.59 27.85
CA HIS A 285 -39.73 -22.73 28.98
C HIS A 285 -38.49 -23.53 28.61
N HIS A 286 -37.34 -22.83 28.57
CA HIS A 286 -36.08 -23.37 28.00
C HIS A 286 -35.45 -24.29 29.04
N ASP A 287 -36.25 -24.60 30.05
CA ASP A 287 -36.11 -25.81 30.87
C ASP A 287 -34.87 -26.09 31.70
N VAL A 288 -34.46 -25.13 32.51
CA VAL A 288 -33.32 -25.26 33.40
C VAL A 288 -33.65 -24.64 34.72
N PRO A 289 -32.90 -24.95 35.79
CA PRO A 289 -33.28 -24.38 37.11
C PRO A 289 -33.16 -22.88 37.11
N ILE A 290 -33.63 -22.19 38.14
CA ILE A 290 -33.65 -20.72 38.05
C ILE A 290 -32.29 -20.06 37.95
N ASP A 291 -31.28 -20.62 38.60
CA ASP A 291 -29.93 -20.06 38.57
C ASP A 291 -29.41 -20.12 37.16
N GLY A 292 -29.86 -21.12 36.42
CA GLY A 292 -29.51 -21.27 35.02
C GLY A 292 -30.01 -20.11 34.21
N TRP A 293 -31.19 -19.64 34.58
CA TRP A 293 -31.78 -18.50 33.94
C TRP A 293 -31.04 -17.25 34.36
N THR A 294 -30.84 -17.06 35.66
CA THR A 294 -30.16 -15.84 36.07
C THR A 294 -28.86 -15.71 35.27
N MET A 295 -28.23 -16.84 34.97
CA MET A 295 -26.99 -16.87 34.22
C MET A 295 -27.21 -16.53 32.73
N TYR A 296 -28.14 -17.25 32.08
CA TYR A 296 -28.56 -17.06 30.68
C TYR A 296 -28.92 -15.63 30.36
N ALA A 297 -29.29 -14.90 31.40
CA ALA A 297 -29.71 -13.52 31.30
C ALA A 297 -28.52 -12.60 31.23
N GLU A 298 -27.71 -12.63 32.28
CA GLU A 298 -26.45 -11.87 32.30
C GLU A 298 -25.71 -12.10 30.98
N ARG A 299 -25.65 -13.35 30.55
CA ARG A 299 -25.04 -13.69 29.26
C ARG A 299 -25.73 -12.94 28.15
N CYS A 300 -27.05 -13.13 28.09
CA CYS A 300 -27.83 -12.52 27.04
C CYS A 300 -27.60 -11.01 27.08
N TRP A 301 -27.63 -10.43 28.26
CA TRP A 301 -27.32 -8.99 28.39
C TRP A 301 -25.95 -8.47 27.97
N GLU A 302 -24.89 -9.23 28.24
CA GLU A 302 -23.54 -8.96 27.70
C GLU A 302 -23.60 -8.85 26.19
N GLN A 303 -24.01 -9.92 25.53
CA GLN A 303 -24.11 -9.93 24.10
C GLN A 303 -25.05 -8.87 23.53
N ILE A 304 -25.94 -8.29 24.34
CA ILE A 304 -26.80 -7.20 23.86
C ILE A 304 -26.19 -5.80 24.07
N GLU A 305 -25.79 -5.56 25.32
CA GLU A 305 -25.35 -4.27 25.85
C GLU A 305 -24.43 -3.55 24.92
N THR A 306 -23.64 -4.32 24.20
CA THR A 306 -22.76 -3.80 23.17
C THR A 306 -22.64 -4.78 22.03
N ASN A 307 -23.55 -4.58 21.09
CA ASN A 307 -23.60 -5.35 19.86
C ASN A 307 -23.48 -4.40 18.69
N LYS A 308 -22.65 -4.78 17.72
CA LYS A 308 -22.44 -4.02 16.48
C LYS A 308 -23.63 -3.73 15.50
N ASP A 309 -24.43 -4.75 15.22
CA ASP A 309 -25.72 -4.59 14.59
C ASP A 309 -26.70 -3.76 15.42
N LEU A 310 -26.45 -3.58 16.71
CA LEU A 310 -27.34 -2.77 17.57
C LEU A 310 -26.86 -1.35 17.80
N ASP A 311 -25.57 -1.10 17.60
CA ASP A 311 -25.04 0.25 17.70
C ASP A 311 -25.51 1.14 16.58
N LEU A 312 -26.18 2.22 16.91
CA LEU A 312 -26.72 3.08 15.90
C LEU A 312 -26.64 4.52 16.26
N PRO A 313 -26.40 5.35 15.26
CA PRO A 313 -26.44 6.80 15.44
C PRO A 313 -27.83 7.30 15.21
N THR A 314 -28.12 8.47 15.73
CA THR A 314 -29.45 9.01 15.70
C THR A 314 -29.92 9.06 14.31
N GLN A 315 -31.16 9.42 14.12
CA GLN A 315 -31.68 9.65 12.82
C GLN A 315 -30.96 10.79 12.21
N GLN A 316 -30.72 11.79 13.01
CA GLN A 316 -30.18 13.01 12.52
C GLN A 316 -28.88 12.81 11.82
N ILE A 317 -27.93 12.22 12.48
CA ILE A 317 -26.65 11.91 11.86
C ILE A 317 -26.92 11.11 10.58
N LEU A 318 -27.42 9.90 10.67
CA LEU A 318 -27.77 9.16 9.46
C LEU A 318 -28.37 10.03 8.36
N VAL A 319 -29.23 10.96 8.71
CA VAL A 319 -29.82 11.83 7.68
C VAL A 319 -28.77 12.80 7.10
N ALA A 320 -28.00 13.43 7.99
CA ALA A 320 -26.93 14.36 7.62
C ALA A 320 -25.90 13.71 6.70
N GLN A 321 -25.60 12.46 6.98
CA GLN A 321 -24.64 11.73 6.18
C GLN A 321 -25.10 11.77 4.72
N PHE A 322 -26.30 11.30 4.46
CA PHE A 322 -26.82 11.27 3.12
C PHE A 322 -26.84 12.66 2.57
N LYS A 323 -27.41 13.56 3.35
CA LYS A 323 -27.57 14.93 2.89
C LYS A 323 -26.23 15.43 2.40
N CYS A 324 -25.21 15.17 3.19
CA CYS A 324 -23.92 15.70 2.88
C CYS A 324 -23.22 15.04 1.66
N ASP A 325 -23.32 13.72 1.48
CA ASP A 325 -22.87 13.08 0.24
C ASP A 325 -23.55 13.67 -0.99
N GLU A 326 -24.86 13.80 -0.94
CA GLU A 326 -25.62 14.34 -2.06
C GLU A 326 -24.85 15.55 -2.58
N ILE A 327 -24.50 16.45 -1.65
CA ILE A 327 -23.79 17.71 -1.96
C ILE A 327 -22.34 17.45 -2.42
N VAL A 328 -21.66 16.56 -1.72
CA VAL A 328 -20.32 16.25 -2.10
C VAL A 328 -20.33 15.99 -3.59
N GLU A 329 -21.17 15.06 -4.04
CA GLU A 329 -21.21 14.74 -5.45
C GLU A 329 -21.54 15.90 -6.35
N SER A 330 -22.58 16.65 -6.06
CA SER A 330 -22.98 17.72 -7.00
C SER A 330 -21.91 18.84 -7.10
N VAL A 331 -21.33 19.19 -5.95
CA VAL A 331 -20.25 20.16 -5.90
C VAL A 331 -19.06 19.58 -6.61
N PHE A 332 -18.80 18.29 -6.42
CA PHE A 332 -17.70 17.59 -7.15
C PHE A 332 -17.96 17.53 -8.64
N GLN A 333 -19.12 17.04 -9.05
CA GLN A 333 -19.50 17.09 -10.46
C GLN A 333 -19.35 18.50 -11.05
N GLU A 334 -19.64 19.50 -10.24
CA GLU A 334 -19.34 20.89 -10.59
C GLU A 334 -17.83 21.17 -10.64
N PHE A 335 -17.05 20.30 -10.03
CA PHE A 335 -15.60 20.43 -10.04
C PHE A 335 -15.05 19.76 -11.28
N LEU A 336 -15.45 18.51 -11.53
CA LEU A 336 -15.05 17.79 -12.72
C LEU A 336 -15.08 18.27 -14.17
N THR A 337 -16.21 18.74 -14.68
CA THR A 337 -16.36 19.07 -16.13
C THR A 337 -15.91 20.56 -16.24
N LYS A 338 -15.49 21.14 -15.11
CA LYS A 338 -14.88 22.49 -15.02
C LYS A 338 -13.33 22.40 -15.01
N TYR A 339 -12.84 21.18 -15.12
CA TYR A 339 -11.45 20.81 -14.97
C TYR A 339 -11.11 19.93 -16.16
N GLN A 340 -12.10 19.18 -16.62
CA GLN A 340 -12.12 18.64 -17.97
C GLN A 340 -11.94 19.80 -19.00
N HIS A 341 -11.91 21.03 -18.50
CA HIS A 341 -11.90 22.26 -19.32
C HIS A 341 -10.69 23.15 -19.11
N HIS A 342 -9.88 22.84 -18.13
CA HIS A 342 -8.59 23.46 -17.97
C HIS A 342 -7.61 22.45 -18.34
N PHE A 343 -7.98 21.19 -18.29
CA PHE A 343 -6.96 20.22 -18.52
C PHE A 343 -7.20 19.17 -19.54
N LYS A 344 -8.36 19.19 -20.16
CA LYS A 344 -8.42 18.36 -21.38
C LYS A 344 -7.16 18.70 -22.18
N GLU A 345 -6.95 20.01 -22.35
CA GLU A 345 -5.75 20.59 -22.93
C GLU A 345 -4.63 20.57 -21.92
N VAL A 346 -3.64 19.73 -22.16
CA VAL A 346 -2.40 19.79 -21.39
C VAL A 346 -1.69 21.09 -21.74
N ASP A 347 -1.60 22.00 -20.77
CA ASP A 347 -1.04 23.34 -20.97
C ASP A 347 0.19 23.38 -21.87
N ALA A 348 0.24 24.40 -22.73
CA ALA A 348 1.40 24.63 -23.57
C ALA A 348 2.49 25.39 -22.80
N ALA A 349 2.07 26.50 -22.16
CA ALA A 349 2.98 27.42 -21.47
C ALA A 349 2.72 27.37 -19.97
N PRO A 350 3.46 26.51 -19.25
CA PRO A 350 3.17 26.30 -17.84
C PRO A 350 3.76 27.37 -16.91
N ASP A 351 3.03 27.69 -15.85
CA ASP A 351 3.59 28.44 -14.73
C ASP A 351 3.06 27.93 -13.39
N PHE A 352 3.99 27.47 -12.54
CA PHE A 352 3.70 26.79 -11.26
C PHE A 352 3.13 27.69 -10.18
N GLU A 353 3.28 29.00 -10.35
CA GLU A 353 2.52 29.92 -9.52
C GLU A 353 1.18 30.27 -10.18
N GLU A 354 1.09 30.31 -11.51
CA GLU A 354 -0.20 30.41 -12.21
C GLU A 354 -1.03 29.19 -11.85
N LEU A 355 -0.37 28.04 -11.70
CA LEU A 355 -1.08 26.75 -11.52
C LEU A 355 -1.52 26.44 -10.09
N GLY A 356 -0.60 26.39 -9.13
CA GLY A 356 -0.96 26.23 -7.73
C GLY A 356 -2.06 27.18 -7.27
N ALA A 357 -2.15 28.33 -7.94
CA ALA A 357 -3.27 29.26 -7.76
C ALA A 357 -4.58 28.84 -8.40
N LEU A 358 -4.56 28.51 -9.69
CA LEU A 358 -5.76 28.06 -10.39
C LEU A 358 -6.34 26.90 -9.61
N PHE A 359 -5.44 26.09 -9.06
CA PHE A 359 -5.78 24.97 -8.19
C PHE A 359 -6.50 25.38 -6.91
N ALA A 360 -5.83 26.21 -6.11
CA ALA A 360 -6.39 26.67 -4.84
C ALA A 360 -7.78 27.24 -5.06
N ASP A 361 -7.97 27.87 -6.21
CA ASP A 361 -9.16 28.63 -6.55
C ASP A 361 -10.30 27.68 -6.90
N LEU A 362 -10.00 26.64 -7.65
CA LEU A 362 -11.01 25.65 -7.96
C LEU A 362 -11.53 24.99 -6.69
N ARG A 363 -10.59 24.62 -5.83
CA ARG A 363 -10.87 24.05 -4.51
C ARG A 363 -11.58 25.06 -3.66
N GLN A 364 -11.36 26.35 -3.89
CA GLN A 364 -12.08 27.36 -3.14
C GLN A 364 -13.53 27.45 -3.50
N ASP A 365 -13.83 27.43 -4.80
CA ASP A 365 -15.21 27.45 -5.29
C ASP A 365 -16.07 26.34 -4.69
N ALA A 366 -15.71 25.09 -4.96
CA ALA A 366 -16.47 23.94 -4.51
C ALA A 366 -16.74 24.01 -2.98
N PHE A 367 -15.71 24.12 -2.17
CA PHE A 367 -15.87 24.32 -0.73
C PHE A 367 -17.00 25.32 -0.43
N GLU A 368 -16.79 26.58 -0.77
CA GLU A 368 -17.75 27.62 -0.41
C GLU A 368 -19.14 27.32 -0.94
N ASP A 369 -19.23 26.51 -1.99
CA ASP A 369 -20.54 26.09 -2.51
C ASP A 369 -21.10 24.94 -1.67
N TYR A 370 -20.26 23.96 -1.37
CA TYR A 370 -20.60 22.92 -0.40
C TYR A 370 -20.98 23.55 0.93
N ASP A 371 -20.12 24.42 1.46
CA ASP A 371 -20.37 25.11 2.72
C ASP A 371 -21.71 25.85 2.68
N ALA A 372 -22.04 26.44 1.54
CA ALA A 372 -23.26 27.22 1.42
C ALA A 372 -24.49 26.33 1.62
N SER A 373 -24.31 25.02 1.46
CA SER A 373 -25.43 24.12 1.53
C SER A 373 -25.36 23.01 2.59
N ALA A 374 -24.33 23.00 3.40
CA ALA A 374 -24.13 21.90 4.32
C ALA A 374 -23.70 22.32 5.70
N SER A 375 -23.43 23.59 5.90
CA SER A 375 -23.02 24.05 7.21
C SER A 375 -24.17 23.99 8.23
N ARG A 376 -25.37 23.78 7.71
CA ARG A 376 -26.59 23.57 8.51
C ARG A 376 -26.47 22.36 9.45
N TYR A 377 -26.01 21.25 8.88
CA TYR A 377 -26.10 19.94 9.52
C TYR A 377 -25.00 19.71 10.51
N ASN A 378 -24.96 18.50 11.05
CA ASN A 378 -24.15 18.22 12.19
C ASN A 378 -22.82 18.73 11.72
N LYS A 379 -22.16 19.53 12.56
CA LYS A 379 -20.84 20.07 12.25
C LYS A 379 -19.94 18.89 11.92
N ALA A 380 -19.91 17.88 12.80
CA ALA A 380 -19.01 16.74 12.63
C ALA A 380 -19.21 15.98 11.35
N VAL A 381 -20.44 15.74 10.97
CA VAL A 381 -20.74 15.06 9.71
C VAL A 381 -20.35 16.01 8.58
N TYR A 382 -20.89 17.20 8.65
CA TYR A 382 -20.47 18.26 7.75
C TYR A 382 -18.95 18.35 7.66
N GLU A 383 -18.27 18.21 8.76
CA GLU A 383 -16.83 18.33 8.75
C GLU A 383 -16.18 17.12 8.15
N GLN A 384 -16.48 15.95 8.70
CA GLN A 384 -16.09 14.68 8.12
C GLN A 384 -16.26 14.75 6.62
N LYS A 385 -17.44 15.20 6.18
CA LYS A 385 -17.76 15.17 4.74
C LYS A 385 -17.14 16.29 3.94
N ARG A 386 -16.64 17.31 4.61
CA ARG A 386 -15.87 18.34 3.95
C ARG A 386 -14.50 17.80 3.54
N LYS A 387 -13.77 17.29 4.53
CA LYS A 387 -12.49 16.59 4.32
C LYS A 387 -12.57 15.57 3.18
N LYS A 388 -13.67 14.84 3.11
CA LYS A 388 -13.86 13.84 2.06
C LYS A 388 -13.81 14.54 0.72
N LEU A 389 -14.51 15.65 0.59
CA LEU A 389 -14.50 16.42 -0.67
C LEU A 389 -13.13 17.01 -1.00
N ARG A 390 -12.49 17.66 -0.04
CA ARG A 390 -11.14 18.13 -0.21
C ARG A 390 -10.22 17.15 -0.94
N TRP A 391 -10.16 15.91 -0.47
CA TRP A 391 -9.24 14.91 -1.03
C TRP A 391 -9.78 14.24 -2.27
N LEU A 392 -11.03 14.47 -2.59
CA LEU A 392 -11.56 13.98 -3.83
C LEU A 392 -10.95 14.84 -4.85
N ILE A 393 -10.91 16.15 -4.58
CA ILE A 393 -10.36 17.16 -5.50
C ILE A 393 -8.85 17.34 -5.49
N ASN A 394 -8.23 17.09 -4.33
CA ASN A 394 -6.77 16.89 -4.28
C ASN A 394 -6.40 15.83 -5.26
N ASP A 395 -6.90 14.61 -5.16
CA ASP A 395 -6.58 13.57 -6.14
C ASP A 395 -6.89 13.82 -7.61
N LYS A 396 -7.67 14.85 -7.92
CA LYS A 396 -7.87 15.22 -9.31
C LYS A 396 -6.88 16.31 -9.68
N LEU A 397 -6.53 17.11 -8.69
CA LEU A 397 -5.50 18.10 -8.88
C LEU A 397 -4.12 17.43 -8.97
N LYS A 398 -3.89 16.39 -8.19
CA LYS A 398 -2.60 15.72 -8.20
C LYS A 398 -2.22 15.23 -9.59
N GLU A 399 -3.13 14.53 -10.23
CA GLU A 399 -2.95 14.11 -11.61
C GLU A 399 -2.24 15.14 -12.50
N VAL A 400 -2.75 16.37 -12.51
CA VAL A 400 -2.15 17.49 -13.26
C VAL A 400 -0.80 18.01 -12.75
N PHE A 401 -0.73 18.30 -11.45
CA PHE A 401 0.51 18.50 -10.70
C PHE A 401 1.55 17.49 -11.10
N ASP A 402 1.23 16.20 -11.06
CA ASP A 402 2.20 15.17 -11.45
C ASP A 402 2.67 15.34 -12.89
N VAL A 403 1.72 15.43 -13.82
CA VAL A 403 2.06 15.60 -15.20
C VAL A 403 3.12 16.68 -15.36
N HIS A 404 2.76 17.93 -15.11
CA HIS A 404 3.71 18.99 -15.24
C HIS A 404 4.96 18.65 -14.44
N ALA A 405 4.82 18.42 -13.15
CA ALA A 405 5.97 18.18 -12.32
C ALA A 405 6.95 17.24 -13.00
N LYS A 406 6.46 16.23 -13.71
CA LYS A 406 7.36 15.28 -14.40
C LYS A 406 7.91 15.89 -15.70
N ASN A 407 7.04 16.50 -16.52
CA ASN A 407 7.51 17.31 -17.65
C ASN A 407 8.67 18.15 -17.20
N LEU A 408 8.67 18.64 -15.97
CA LEU A 408 9.78 19.46 -15.51
C LEU A 408 11.04 18.65 -15.25
N CYS A 409 10.90 17.51 -14.58
CA CYS A 409 12.07 16.70 -14.23
C CYS A 409 12.85 16.34 -15.47
N ASN A 410 12.16 15.80 -16.47
CA ASN A 410 12.80 15.36 -17.72
C ASN A 410 13.53 16.45 -18.50
N THR A 411 12.95 17.65 -18.56
CA THR A 411 13.65 18.78 -19.13
C THR A 411 14.95 18.99 -18.38
N LEU A 412 14.84 19.48 -17.15
CA LEU A 412 15.97 19.68 -16.28
C LEU A 412 16.97 18.56 -16.40
N LEU A 413 16.56 17.36 -16.05
CA LEU A 413 17.45 16.22 -16.21
C LEU A 413 18.30 16.28 -17.50
N GLU A 414 17.68 16.45 -18.67
CA GLU A 414 18.44 16.58 -19.93
C GLU A 414 19.60 17.52 -19.78
N LYS A 415 19.31 18.78 -19.44
CA LYS A 415 20.33 19.78 -19.12
C LYS A 415 21.41 19.21 -18.20
N PHE A 416 20.99 18.58 -17.12
CA PHE A 416 21.92 18.01 -16.16
C PHE A 416 22.82 16.95 -16.81
N GLU A 417 22.22 15.99 -17.52
CA GLU A 417 23.01 14.98 -18.27
C GLU A 417 24.03 15.67 -19.18
N LYS A 418 23.55 16.65 -19.93
CA LYS A 418 24.38 17.51 -20.77
C LYS A 418 25.48 18.16 -19.91
N ASP A 419 25.06 18.78 -18.82
CA ASP A 419 25.99 19.45 -17.93
C ASP A 419 27.14 18.59 -17.51
N LEU A 420 26.88 17.34 -17.22
CA LEU A 420 27.93 16.38 -16.82
C LEU A 420 28.99 16.15 -17.91
N VAL A 421 28.52 15.71 -19.06
CA VAL A 421 29.35 15.57 -20.21
C VAL A 421 30.18 16.76 -20.62
N ALA A 422 29.72 17.93 -20.21
CA ALA A 422 30.25 19.17 -20.73
C ALA A 422 31.41 19.50 -19.84
N LEU A 423 31.74 18.60 -18.95
CA LEU A 423 32.92 18.84 -18.15
C LEU A 423 33.47 17.43 -18.13
N LYS A 424 34.16 17.08 -19.20
CA LYS A 424 34.88 15.83 -19.25
C LYS A 424 35.87 15.67 -18.15
N GLY A 425 35.53 14.85 -17.19
CA GLY A 425 36.46 14.41 -16.16
C GLY A 425 36.84 15.58 -15.28
N LYS A 426 36.41 16.79 -15.59
CA LYS A 426 36.91 17.90 -14.74
C LYS A 426 36.33 17.74 -13.31
N ASP A 427 37.10 17.08 -12.44
CA ASP A 427 36.76 16.91 -11.00
C ASP A 427 35.34 16.40 -10.85
N PHE A 428 35.16 15.11 -11.15
CA PHE A 428 33.82 14.51 -11.27
C PHE A 428 32.96 14.52 -10.00
N ALA A 429 33.42 13.79 -8.98
CA ALA A 429 32.74 13.66 -7.68
C ALA A 429 32.29 15.00 -7.07
N VAL A 430 33.14 16.02 -7.24
CA VAL A 430 32.92 17.33 -6.64
C VAL A 430 31.97 18.16 -7.49
N ASN A 431 31.81 17.76 -8.75
CA ASN A 431 30.82 18.40 -9.60
C ASN A 431 29.49 17.65 -9.65
N VAL A 432 29.56 16.33 -9.55
CA VAL A 432 28.40 15.52 -9.26
C VAL A 432 27.61 16.11 -8.10
N LYS A 433 28.32 16.54 -7.06
CA LYS A 433 27.69 16.97 -5.80
C LYS A 433 26.83 18.21 -5.97
N THR A 434 27.47 19.33 -6.29
CA THR A 434 26.77 20.62 -6.38
C THR A 434 25.65 20.51 -7.41
N LEU A 435 25.99 19.93 -8.56
CA LEU A 435 25.03 19.79 -9.65
C LEU A 435 23.78 18.99 -9.27
N SER A 436 24.00 17.80 -8.73
CA SER A 436 22.92 16.94 -8.22
C SER A 436 22.13 17.61 -7.09
N THR A 437 22.82 18.31 -6.21
CA THR A 437 22.13 19.08 -5.21
C THR A 437 21.16 20.03 -5.91
N LYS A 438 21.72 20.92 -6.74
CA LYS A 438 20.95 22.01 -7.36
C LYS A 438 19.73 21.54 -8.10
N LEU A 439 19.82 20.36 -8.70
CA LEU A 439 18.72 19.77 -9.39
C LEU A 439 17.59 19.54 -8.40
N VAL A 440 17.89 18.68 -7.43
CA VAL A 440 16.96 18.30 -6.36
C VAL A 440 16.34 19.57 -5.69
N GLU A 441 17.20 20.47 -5.26
CA GLU A 441 16.74 21.74 -4.71
C GLU A 441 15.85 22.48 -5.71
N ASP A 442 16.29 22.58 -6.95
CA ASP A 442 15.59 23.36 -7.98
C ASP A 442 14.25 22.77 -8.33
N VAL A 443 14.13 21.47 -8.18
CA VAL A 443 12.86 20.83 -8.42
C VAL A 443 11.99 21.17 -7.21
N ASN A 444 12.45 20.74 -6.04
CA ASN A 444 11.73 20.99 -4.78
C ASN A 444 11.08 22.34 -4.76
N PHE A 445 11.74 23.37 -5.24
CA PHE A 445 11.18 24.71 -5.08
C PHE A 445 10.19 25.03 -6.14
N GLN A 446 10.57 24.72 -7.36
CA GLN A 446 9.81 24.99 -8.54
C GLN A 446 8.49 24.24 -8.49
N VAL A 447 8.47 23.09 -7.81
CA VAL A 447 7.29 22.21 -7.70
C VAL A 447 6.52 22.35 -6.38
N SER A 448 7.19 22.81 -5.34
CA SER A 448 6.49 23.15 -4.10
C SER A 448 5.50 24.32 -4.27
N LEU A 449 5.80 25.24 -5.19
CA LEU A 449 4.91 26.35 -5.51
C LEU A 449 3.57 25.91 -6.06
N MET A 450 3.42 24.65 -6.37
CA MET A 450 2.20 24.25 -7.01
C MET A 450 1.56 23.11 -6.31
N SER A 451 1.74 23.01 -5.01
CA SER A 451 1.25 21.83 -4.31
C SER A 451 0.21 22.12 -3.25
N LEU A 452 -0.19 23.36 -3.12
CA LEU A 452 -1.17 23.64 -2.13
C LEU A 452 -0.99 23.36 -0.65
N GLN A 453 -0.05 24.06 -0.04
CA GLN A 453 0.16 23.98 1.39
C GLN A 453 0.50 22.55 1.64
N GLY A 454 1.31 21.97 0.78
CA GLY A 454 1.83 20.65 1.05
C GLY A 454 0.76 19.60 1.10
N ASP A 455 -0.40 19.94 0.61
CA ASP A 455 -1.46 18.98 0.57
C ASP A 455 -1.10 17.90 -0.38
N LEU A 456 -0.68 18.27 -1.58
CA LEU A 456 -0.15 17.35 -2.60
C LEU A 456 1.37 17.11 -2.40
N SER A 457 1.75 15.84 -2.25
CA SER A 457 3.10 15.43 -1.82
C SER A 457 4.20 15.45 -2.90
N LEU A 458 5.42 15.76 -2.43
CA LEU A 458 6.63 15.80 -3.28
C LEU A 458 7.50 14.57 -3.11
N ASP A 459 7.36 13.93 -1.97
CA ASP A 459 8.12 12.73 -1.59
C ASP A 459 8.38 11.75 -2.76
N GLU A 460 7.31 11.24 -3.38
CA GLU A 460 7.48 10.24 -4.45
C GLU A 460 8.21 10.79 -5.66
N ILE A 461 8.03 12.10 -5.93
CA ILE A 461 8.68 12.80 -7.05
C ILE A 461 10.20 12.91 -6.77
N ILE A 462 10.53 13.45 -5.60
CA ILE A 462 11.92 13.61 -5.19
C ILE A 462 12.66 12.28 -5.18
N LEU A 463 12.07 11.26 -4.58
CA LEU A 463 12.65 9.92 -4.66
C LEU A 463 12.91 9.53 -6.09
N ALA A 464 11.92 9.68 -6.97
CA ALA A 464 12.06 9.23 -8.36
C ALA A 464 13.10 10.03 -9.14
N LEU A 465 13.33 11.25 -8.70
CA LEU A 465 14.36 12.10 -9.24
C LEU A 465 15.75 11.59 -8.82
N THR A 466 15.91 11.41 -7.51
CA THR A 466 17.15 10.98 -6.97
C THR A 466 17.57 9.70 -7.67
N LYS A 467 16.66 8.73 -7.78
CA LYS A 467 17.01 7.47 -8.42
C LYS A 467 17.51 7.77 -9.84
N ASP A 468 16.85 8.72 -10.51
CA ASP A 468 17.18 9.09 -11.88
C ASP A 468 18.59 9.69 -11.98
N ILE A 469 18.94 10.57 -11.04
CA ILE A 469 20.28 11.16 -10.96
C ILE A 469 21.33 10.07 -10.82
N ASP A 470 21.14 9.21 -9.82
CA ASP A 470 22.01 8.07 -9.58
C ASP A 470 22.13 7.17 -10.80
N ALA A 471 21.03 6.97 -11.55
CA ALA A 471 21.08 6.20 -12.81
C ALA A 471 21.99 6.86 -13.84
N ILE A 472 21.89 8.18 -13.94
CA ILE A 472 22.69 8.94 -14.90
C ILE A 472 24.15 8.95 -14.49
N VAL A 473 24.50 9.50 -13.32
CA VAL A 473 25.95 9.56 -12.93
C VAL A 473 26.64 8.21 -13.12
N ALA A 474 26.01 7.14 -12.63
CA ALA A 474 26.54 5.79 -12.77
C ALA A 474 26.62 5.28 -14.22
N LYS A 475 26.23 6.12 -15.17
CA LYS A 475 26.40 5.82 -16.58
C LYS A 475 27.36 6.87 -17.21
N GLN A 476 27.40 8.07 -16.65
CA GLN A 476 28.40 9.03 -17.05
C GLN A 476 29.77 8.62 -16.54
N GLN A 477 29.78 7.98 -15.38
CA GLN A 477 30.98 7.44 -14.80
C GLN A 477 31.59 6.41 -15.73
N VAL A 478 30.80 5.47 -16.24
CA VAL A 478 31.36 4.45 -17.17
C VAL A 478 31.94 5.11 -18.41
N VAL A 479 31.30 6.17 -18.87
CA VAL A 479 31.81 6.97 -20.00
C VAL A 479 33.11 7.73 -19.67
N GLU A 480 33.24 8.30 -18.47
CA GLU A 480 34.52 8.94 -18.09
C GLU A 480 35.64 7.92 -17.74
N LEU A 481 35.26 6.75 -17.22
CA LEU A 481 36.22 5.72 -16.83
C LEU A 481 36.73 4.88 -18.00
N ASN A 482 35.98 4.86 -19.10
CA ASN A 482 36.44 4.22 -20.32
C ASN A 482 37.08 5.24 -21.24
N SER A 483 36.94 6.51 -20.91
CA SER A 483 37.64 7.56 -21.63
C SER A 483 39.08 7.70 -21.15
N ILE A 484 39.25 7.67 -19.82
CA ILE A 484 40.58 7.75 -19.21
C ILE A 484 41.45 6.56 -19.63
N VAL A 485 40.90 5.35 -19.61
CA VAL A 485 41.57 4.20 -20.24
C VAL A 485 42.02 4.57 -21.66
N ASN A 486 41.08 4.86 -22.54
CA ASN A 486 41.40 5.28 -23.92
C ASN A 486 42.44 6.41 -24.04
N LYS A 487 42.15 7.61 -23.50
CA LYS A 487 43.04 8.79 -23.63
C LYS A 487 44.33 8.73 -22.80
N SER A 488 44.53 7.60 -22.13
CA SER A 488 45.81 7.27 -21.49
C SER A 488 46.61 6.38 -22.42
N VAL A 489 45.93 5.42 -23.06
CA VAL A 489 46.53 4.57 -24.10
C VAL A 489 47.01 5.36 -25.35
N LYS A 490 46.85 6.68 -25.33
CA LYS A 490 47.28 7.53 -26.45
C LYS A 490 48.43 8.50 -26.10
N LYS A 491 48.68 8.71 -24.81
CA LYS A 491 49.92 9.37 -24.38
C LYS A 491 50.96 8.33 -24.07
N LEU A 492 50.52 7.07 -24.03
CA LEU A 492 51.41 5.94 -24.03
C LEU A 492 51.89 5.62 -25.45
N SER A 493 50.96 5.56 -26.41
CA SER A 493 51.25 5.09 -27.78
C SER A 493 52.11 6.12 -28.48
N ALA A 494 51.95 7.39 -28.12
CA ALA A 494 52.82 8.45 -28.61
C ALA A 494 54.27 8.49 -28.18
N SER A 495 54.48 8.43 -26.87
CA SER A 495 55.82 8.43 -26.29
C SER A 495 56.40 7.05 -26.58
N LEU A 496 55.54 6.02 -26.68
CA LEU A 496 55.97 4.66 -26.95
C LEU A 496 56.49 4.43 -28.38
N SER A 497 55.63 4.45 -29.37
CA SER A 497 56.10 4.14 -30.72
C SER A 497 57.12 5.13 -31.26
N LYS A 498 57.44 6.15 -30.47
CA LYS A 498 58.38 7.18 -30.88
C LYS A 498 59.77 7.15 -30.32
N SER A 499 59.83 6.78 -29.05
CA SER A 499 61.08 6.54 -28.40
C SER A 499 61.45 5.09 -28.68
N ILE A 500 60.86 4.56 -29.72
CA ILE A 500 61.35 3.40 -30.36
C ILE A 500 62.31 3.94 -31.40
N GLN A 501 61.76 4.80 -32.22
CA GLN A 501 62.48 5.20 -33.43
C GLN A 501 63.69 5.93 -32.83
N PHE A 502 63.49 6.91 -31.94
CA PHE A 502 64.60 7.78 -31.47
C PHE A 502 65.67 6.88 -30.83
N GLU A 503 65.24 5.85 -30.15
CA GLU A 503 66.19 4.91 -29.59
C GLU A 503 66.89 4.28 -30.76
N LEU A 504 66.11 3.81 -31.74
CA LEU A 504 66.60 3.01 -32.91
C LEU A 504 67.70 3.64 -33.81
N GLY A 505 67.95 4.94 -33.66
CA GLY A 505 69.08 5.60 -34.35
C GLY A 505 70.42 5.36 -33.66
N ASP A 506 70.62 4.12 -33.19
CA ASP A 506 71.82 3.64 -32.48
C ASP A 506 71.55 2.30 -31.72
N PRO A 507 71.28 1.19 -32.45
CA PRO A 507 70.93 -0.09 -31.79
C PRO A 507 71.95 -0.61 -30.78
N ASN A 508 71.67 -0.32 -29.51
CA ASN A 508 72.59 -0.57 -28.39
C ASN A 508 72.38 -1.87 -27.60
N GLU A 509 73.25 -2.07 -26.62
CA GLU A 509 73.07 -3.06 -25.55
C GLU A 509 71.96 -2.59 -24.62
N GLU A 510 71.69 -1.29 -24.65
CA GLU A 510 70.72 -0.65 -23.76
C GLU A 510 69.58 0.11 -24.46
N THR A 511 69.05 -0.44 -25.56
CA THR A 511 67.85 0.10 -26.18
C THR A 511 66.65 -0.27 -25.35
N TRP A 512 66.45 -1.57 -25.19
CA TRP A 512 65.36 -2.10 -24.37
C TRP A 512 65.46 -1.59 -22.95
N ASP A 513 66.69 -1.34 -22.48
CA ASP A 513 66.94 -0.74 -21.17
C ASP A 513 66.34 0.67 -21.03
N ASN A 514 66.19 1.37 -22.14
CA ASN A 514 65.55 2.69 -22.17
C ASN A 514 64.12 2.65 -22.74
N VAL A 515 63.66 1.47 -23.18
CA VAL A 515 62.36 1.33 -23.89
C VAL A 515 61.20 0.84 -23.01
N LEU A 516 61.44 -0.22 -22.25
CA LEU A 516 60.47 -0.70 -21.28
C LEU A 516 60.60 0.10 -19.98
N GLN A 517 61.71 0.81 -19.86
CA GLN A 517 61.93 1.73 -18.76
C GLN A 517 60.97 2.90 -18.90
N GLN A 518 60.55 3.16 -20.14
CA GLN A 518 59.45 4.08 -20.45
C GLN A 518 58.13 3.31 -20.67
N PHE A 519 58.17 2.20 -21.43
CA PHE A 519 56.95 1.42 -21.68
C PHE A 519 56.21 1.14 -20.38
N LYS A 520 56.97 0.97 -19.30
CA LYS A 520 56.43 0.76 -17.96
C LYS A 520 56.80 1.88 -16.98
N GLY A 521 57.28 2.99 -17.50
CA GLY A 521 57.53 4.18 -16.70
C GLY A 521 56.24 4.95 -16.47
N VAL A 522 55.31 4.81 -17.44
CA VAL A 522 53.97 5.43 -17.40
C VAL A 522 52.81 4.43 -17.59
N TYR A 523 53.18 3.16 -17.60
CA TYR A 523 52.29 2.03 -17.71
C TYR A 523 51.96 1.69 -16.32
N GLU A 524 52.17 2.68 -15.47
CA GLU A 524 51.76 2.55 -14.10
C GLU A 524 51.03 3.76 -13.55
N LYS A 525 51.60 4.93 -13.79
CA LYS A 525 51.17 6.11 -13.06
C LYS A 525 49.72 6.07 -13.50
N PHE A 526 49.38 5.02 -14.23
CA PHE A 526 48.14 4.99 -14.96
C PHE A 526 47.30 5.36 -13.80
N GLY A 527 46.79 6.58 -13.80
CA GLY A 527 47.33 7.67 -14.57
C GLY A 527 47.56 8.64 -13.44
N GLY A 528 47.66 8.05 -12.28
CA GLY A 528 47.40 8.72 -11.02
C GLY A 528 46.00 8.25 -10.70
N ASP A 529 45.50 8.60 -9.52
CA ASP A 529 44.11 8.36 -9.20
C ASP A 529 43.37 8.96 -10.37
N PHE A 530 42.06 8.72 -10.46
CA PHE A 530 41.20 9.39 -11.44
C PHE A 530 40.21 10.51 -11.15
N GLY A 531 39.77 10.59 -9.91
CA GLY A 531 38.91 11.68 -9.41
C GLY A 531 37.42 11.57 -9.68
N LEU A 532 37.01 10.44 -10.21
CA LEU A 532 35.65 10.26 -10.69
C LEU A 532 35.29 9.58 -9.40
N GLY A 533 34.04 9.14 -9.35
CA GLY A 533 33.49 8.56 -8.15
C GLY A 533 33.95 7.15 -7.86
N THR A 534 34.77 6.57 -8.70
CA THR A 534 35.35 5.29 -8.36
C THR A 534 34.55 4.11 -8.82
N SER A 535 34.43 3.11 -7.97
CA SER A 535 33.87 1.82 -8.29
C SER A 535 35.01 0.95 -7.86
N SER A 536 35.82 1.52 -7.00
CA SER A 536 36.98 0.78 -6.52
C SER A 536 37.26 -0.54 -7.24
N THR A 537 36.56 -1.63 -6.93
CA THR A 537 36.80 -2.88 -7.71
C THR A 537 36.36 -2.80 -9.19
N GLN A 538 35.96 -1.61 -9.61
CA GLN A 538 35.93 -1.22 -11.02
C GLN A 538 36.90 -0.10 -11.37
N ASN A 539 37.22 0.75 -10.41
CA ASN A 539 38.44 1.59 -10.46
C ASN A 539 39.69 0.77 -10.69
N GLN A 540 39.70 -0.42 -10.12
CA GLN A 540 40.80 -1.36 -10.24
C GLN A 540 40.71 -2.05 -11.58
N GLN A 541 39.49 -2.40 -11.98
CA GLN A 541 39.28 -3.00 -13.29
C GLN A 541 39.10 -1.95 -14.38
N ALA A 542 39.41 -0.70 -14.07
CA ALA A 542 39.62 0.37 -15.08
C ALA A 542 40.99 0.20 -15.75
N ILE A 543 41.83 -0.62 -15.13
CA ILE A 543 43.21 -0.79 -15.55
C ILE A 543 43.43 -2.13 -16.27
N GLU A 544 42.75 -3.19 -15.84
CA GLU A 544 42.89 -4.50 -16.48
C GLU A 544 42.24 -4.58 -17.85
N LYS A 545 41.69 -3.46 -18.31
CA LYS A 545 41.46 -3.22 -19.73
C LYS A 545 42.70 -2.50 -20.26
N PHE A 546 43.06 -1.42 -19.57
CA PHE A 546 44.21 -0.61 -19.93
C PHE A 546 45.50 -1.41 -20.09
N LYS A 547 45.72 -2.33 -19.17
CA LYS A 547 46.92 -3.13 -19.19
C LYS A 547 46.82 -4.22 -20.24
N PHE A 548 45.59 -4.64 -20.56
CA PHE A 548 45.39 -5.64 -21.61
C PHE A 548 45.55 -5.02 -22.98
N LYS A 549 45.17 -3.77 -23.09
CA LYS A 549 45.18 -3.08 -24.37
C LYS A 549 46.60 -2.64 -24.77
N SER A 550 47.48 -2.40 -23.80
CA SER A 550 48.92 -2.22 -24.09
C SER A 550 49.54 -3.48 -24.65
N TRP A 551 49.35 -4.59 -23.92
CA TRP A 551 49.71 -5.94 -24.38
C TRP A 551 48.93 -6.37 -25.65
N CYS A 552 48.22 -5.42 -26.27
CA CYS A 552 47.48 -5.64 -27.51
C CYS A 552 47.94 -4.71 -28.61
N GLN A 553 48.33 -3.50 -28.23
CA GLN A 553 48.84 -2.49 -29.17
C GLN A 553 50.37 -2.64 -29.39
N PHE A 554 51.05 -3.11 -28.34
CA PHE A 554 52.46 -3.49 -28.36
C PHE A 554 52.71 -4.34 -29.58
N TYR A 555 52.11 -5.53 -29.57
CA TYR A 555 52.12 -6.47 -30.69
C TYR A 555 51.69 -5.80 -32.00
N ASP A 556 50.66 -4.97 -31.97
CA ASP A 556 50.16 -4.28 -33.18
C ASP A 556 51.11 -3.25 -33.77
N VAL A 557 51.78 -2.47 -32.93
CA VAL A 557 52.89 -1.59 -33.36
C VAL A 557 54.06 -2.38 -33.99
N THR A 558 54.39 -3.50 -33.36
CA THR A 558 55.49 -4.34 -33.83
C THR A 558 55.10 -4.92 -35.18
N HIS A 559 53.94 -5.54 -35.26
CA HIS A 559 53.47 -6.13 -36.51
C HIS A 559 53.14 -5.09 -37.59
N LYS A 560 53.31 -3.81 -37.27
CA LYS A 560 53.08 -2.69 -38.20
C LYS A 560 54.34 -1.87 -38.50
N LEU A 561 55.14 -1.51 -37.51
CA LEU A 561 56.46 -0.87 -37.75
C LEU A 561 57.47 -1.82 -38.46
N ILE A 562 57.52 -3.07 -38.01
CA ILE A 562 58.36 -4.11 -38.61
C ILE A 562 57.54 -5.19 -39.34
N SER A 563 57.52 -5.13 -40.66
CA SER A 563 56.91 -6.21 -41.46
C SER A 563 57.72 -6.47 -42.73
N ARG A 564 57.21 -7.36 -43.59
CA ARG A 564 57.84 -7.65 -44.87
C ARG A 564 58.19 -6.34 -45.60
N GLU A 565 57.29 -5.36 -45.54
CA GLU A 565 57.48 -4.09 -46.22
C GLU A 565 58.56 -3.16 -45.67
N LYS A 566 58.46 -2.78 -44.40
CA LYS A 566 59.31 -1.72 -43.86
C LYS A 566 60.60 -2.35 -43.36
N LEU A 567 60.67 -3.66 -43.40
CA LEU A 567 61.88 -4.39 -43.10
C LEU A 567 62.88 -4.35 -44.26
N LEU A 568 62.44 -4.83 -45.43
CA LEU A 568 63.22 -4.71 -46.67
C LEU A 568 63.77 -3.31 -46.78
N ALA A 569 62.97 -2.36 -46.32
CA ALA A 569 63.33 -0.94 -46.33
C ALA A 569 64.44 -0.60 -45.32
N LEU A 570 64.42 -1.30 -44.19
CA LEU A 570 65.27 -0.95 -43.05
C LEU A 570 66.75 -0.99 -43.42
N LEU A 571 67.09 -1.91 -44.32
CA LEU A 571 68.48 -2.16 -44.77
C LEU A 571 69.29 -0.88 -45.08
N GLN A 572 68.67 -0.03 -45.89
CA GLN A 572 69.38 1.05 -46.55
C GLN A 572 69.61 2.23 -45.60
N ASP A 573 68.72 2.37 -44.62
CA ASP A 573 68.83 3.40 -43.58
C ASP A 573 70.16 3.29 -42.85
N ARG A 574 70.57 2.06 -42.63
CA ARG A 574 71.92 1.74 -42.16
C ARG A 574 72.93 1.68 -43.29
N PHE A 575 72.58 0.92 -44.32
CA PHE A 575 73.45 0.54 -45.43
C PHE A 575 74.30 1.70 -45.93
N ASP A 576 73.71 2.89 -46.00
CA ASP A 576 74.33 4.06 -46.64
C ASP A 576 75.35 4.77 -45.78
N ASP A 577 75.19 4.68 -44.46
CA ASP A 577 75.96 5.49 -43.51
C ASP A 577 77.49 5.26 -43.55
N LYS A 578 77.92 4.10 -44.02
CA LYS A 578 79.36 3.78 -44.14
C LYS A 578 79.79 3.26 -45.52
N PHE A 579 78.86 2.61 -46.25
CA PHE A 579 79.11 2.16 -47.63
C PHE A 579 79.02 3.31 -48.64
N ARG A 580 78.36 4.40 -48.25
CA ARG A 580 78.26 5.61 -49.07
C ARG A 580 78.63 6.86 -48.28
N TYR A 581 79.23 6.70 -47.10
CA TYR A 581 79.60 7.84 -46.25
C TYR A 581 80.87 7.64 -45.42
N ASP A 582 81.58 8.76 -45.21
CA ASP A 582 82.98 8.79 -44.74
C ASP A 582 83.12 8.74 -43.21
N GLU A 583 83.75 9.76 -42.63
CA GLU A 583 84.14 9.79 -41.22
C GLU A 583 83.52 10.96 -40.44
N ASN A 584 82.86 11.88 -41.14
CA ASN A 584 82.29 13.08 -40.52
C ASN A 584 80.92 13.49 -41.07
N GLY A 585 80.31 12.63 -41.87
CA GLY A 585 79.04 12.93 -42.55
C GLY A 585 79.19 13.18 -44.03
N LEU A 586 80.40 12.94 -44.53
CA LEU A 586 80.75 13.17 -45.93
C LEU A 586 80.44 11.90 -46.73
N PRO A 587 80.03 12.06 -48.01
CA PRO A 587 79.99 10.90 -48.90
C PRO A 587 81.41 10.41 -49.24
N LYS A 588 81.76 9.23 -48.72
CA LYS A 588 83.13 8.65 -48.79
C LYS A 588 83.93 8.92 -50.08
N LEU A 589 85.11 9.51 -49.91
CA LEU A 589 86.07 9.69 -51.00
C LEU A 589 86.87 8.40 -51.15
N TYR A 590 86.50 7.60 -52.16
CA TYR A 590 87.20 6.35 -52.45
C TYR A 590 88.65 6.63 -52.87
N LEU A 591 89.54 5.66 -52.64
CA LEU A 591 90.98 5.75 -53.02
C LEU A 591 91.57 4.65 -53.95
N ASN A 592 91.64 3.41 -53.48
CA ASN A 592 92.14 2.29 -54.28
C ASN A 592 90.85 1.47 -54.42
N GLU A 593 90.90 0.42 -55.23
CA GLU A 593 89.87 -0.61 -55.20
C GLU A 593 90.06 -1.47 -53.96
N GLN A 594 91.09 -1.13 -53.18
CA GLN A 594 91.25 -1.54 -51.80
C GLN A 594 90.25 -0.79 -50.90
N ASP A 595 90.20 0.54 -51.05
CA ASP A 595 89.20 1.38 -50.36
C ASP A 595 87.77 1.16 -50.88
N LEU A 596 87.67 0.59 -52.07
CA LEU A 596 86.40 0.25 -52.70
C LEU A 596 85.86 -1.11 -52.22
N GLU A 597 86.76 -2.05 -51.95
CA GLU A 597 86.39 -3.40 -51.55
C GLU A 597 86.87 -3.75 -50.12
N LYS A 598 87.08 -2.72 -49.30
CA LYS A 598 87.28 -2.86 -47.83
C LYS A 598 86.05 -2.36 -47.06
N THR A 599 85.43 -1.29 -47.55
CA THR A 599 84.19 -0.72 -46.96
C THR A 599 82.89 -1.37 -47.51
N PHE A 600 83.05 -2.39 -48.35
CA PHE A 600 81.94 -3.23 -48.86
C PHE A 600 81.49 -4.28 -47.83
N ALA A 601 82.42 -4.70 -46.98
CA ALA A 601 82.16 -5.73 -45.98
C ALA A 601 81.77 -5.15 -44.62
N VAL A 602 82.03 -3.86 -44.42
CA VAL A 602 81.51 -3.11 -43.26
C VAL A 602 79.99 -3.21 -43.24
N ALA A 603 79.38 -3.12 -44.42
CA ALA A 603 77.92 -3.18 -44.60
C ALA A 603 77.30 -4.58 -44.47
N LYS A 604 77.97 -5.60 -45.01
CA LYS A 604 77.49 -7.00 -44.93
C LYS A 604 77.13 -7.40 -43.50
N GLN A 605 77.83 -6.75 -42.56
CA GLN A 605 77.53 -6.79 -41.13
C GLN A 605 76.67 -5.59 -40.71
N HIS A 606 77.03 -4.39 -41.17
CA HIS A 606 76.22 -3.18 -40.90
C HIS A 606 74.81 -3.32 -41.49
N ALA A 607 74.57 -4.44 -42.19
CA ALA A 607 73.25 -4.86 -42.67
C ALA A 607 72.89 -6.26 -42.17
N LEU A 608 73.43 -6.62 -41.02
CA LEU A 608 73.09 -7.85 -40.27
C LEU A 608 73.17 -7.70 -38.74
N GLN A 609 73.74 -6.59 -38.26
CA GLN A 609 74.14 -6.42 -36.84
C GLN A 609 73.13 -5.77 -35.84
N VAL A 610 71.87 -5.60 -36.24
CA VAL A 610 70.81 -5.25 -35.26
C VAL A 610 69.76 -6.37 -35.13
N LEU A 611 69.72 -7.29 -36.09
CA LEU A 611 68.83 -8.46 -36.06
C LEU A 611 68.83 -9.20 -34.69
N PRO A 612 70.02 -9.39 -34.06
CA PRO A 612 70.06 -9.92 -32.68
C PRO A 612 69.58 -8.95 -31.60
N ILE A 613 69.43 -7.67 -31.95
CA ILE A 613 68.69 -6.73 -31.11
C ILE A 613 67.20 -6.73 -31.50
N LEU A 614 66.87 -7.16 -32.74
CA LEU A 614 65.46 -7.07 -33.27
C LEU A 614 64.95 -8.10 -34.33
N THR A 615 65.09 -9.41 -34.08
CA THR A 615 64.49 -10.44 -34.99
C THR A 615 63.08 -10.73 -34.41
N PHE A 616 63.10 -11.19 -33.16
CA PHE A 616 61.93 -11.64 -32.41
C PHE A 616 61.63 -10.76 -31.18
N ALA A 617 62.37 -9.65 -31.08
CA ALA A 617 62.31 -8.66 -29.99
C ALA A 617 62.72 -9.22 -28.63
N LYS A 618 63.68 -8.56 -27.99
CA LYS A 618 64.21 -9.04 -26.70
C LYS A 618 64.49 -7.94 -25.65
N LEU A 619 65.22 -8.38 -24.63
CA LEU A 619 65.40 -7.78 -23.32
C LEU A 619 66.88 -7.99 -23.04
N ALA A 620 67.48 -7.22 -22.14
CA ALA A 620 68.95 -7.29 -22.01
C ALA A 620 69.40 -8.56 -21.26
N ASP A 621 68.57 -9.60 -21.39
CA ASP A 621 68.76 -10.89 -20.69
C ASP A 621 68.75 -12.11 -21.64
N GLY A 622 68.35 -11.91 -22.89
CA GLY A 622 68.31 -12.98 -23.89
C GLY A 622 67.17 -13.97 -23.78
N SER A 623 66.22 -13.71 -22.90
CA SER A 623 65.02 -14.55 -22.74
C SER A 623 63.81 -13.98 -23.52
N GLU A 624 62.97 -14.89 -24.01
CA GLU A 624 61.80 -14.54 -24.82
C GLU A 624 60.81 -13.65 -24.07
N ILE A 625 60.12 -12.78 -24.79
CA ILE A 625 59.06 -11.93 -24.22
C ILE A 625 57.67 -12.53 -24.49
N VAL A 626 56.92 -12.71 -23.41
CA VAL A 626 55.59 -13.33 -23.46
C VAL A 626 54.57 -12.27 -23.01
N PRO A 627 53.30 -12.39 -23.45
CA PRO A 627 52.28 -11.40 -23.11
C PRO A 627 51.66 -11.61 -21.73
N ASP A 628 51.12 -10.52 -21.16
CA ASP A 628 50.44 -10.60 -19.88
C ASP A 628 49.21 -11.49 -19.96
N TYR A 629 48.55 -11.52 -21.12
CA TYR A 629 47.30 -12.25 -21.25
C TYR A 629 47.30 -13.24 -22.42
N ASP A 630 46.50 -14.30 -22.26
CA ASP A 630 46.32 -15.32 -23.29
C ASP A 630 45.49 -14.76 -24.42
N ILE A 631 46.15 -13.91 -25.21
CA ILE A 631 45.55 -13.28 -26.37
C ILE A 631 45.82 -14.23 -27.55
N PHE A 632 45.41 -13.85 -28.75
CA PHE A 632 45.32 -14.75 -29.92
C PHE A 632 44.14 -15.72 -29.75
N ASP A 633 43.51 -15.68 -28.57
CA ASP A 633 42.31 -16.45 -28.28
C ASP A 633 41.14 -15.48 -28.23
N SER A 634 40.12 -15.75 -29.04
CA SER A 634 38.96 -14.84 -29.20
C SER A 634 37.95 -14.90 -28.04
N LYS A 635 38.36 -15.51 -26.93
CA LYS A 635 37.50 -15.66 -25.76
C LYS A 635 37.78 -14.58 -24.70
N LEU A 636 39.05 -14.31 -24.40
CA LEU A 636 39.40 -13.16 -23.56
C LEU A 636 39.24 -11.82 -24.29
N ARG A 637 39.06 -11.89 -25.62
CA ARG A 637 38.94 -10.72 -26.52
C ARG A 637 37.93 -9.59 -26.27
N GLU A 638 36.65 -9.93 -26.39
CA GLU A 638 35.56 -8.94 -26.44
C GLU A 638 35.16 -8.51 -25.01
N GLN A 639 35.84 -9.08 -24.02
CA GLN A 639 35.88 -8.54 -22.65
C GLN A 639 36.49 -7.15 -22.56
N PHE A 640 37.08 -6.69 -23.66
CA PHE A 640 37.62 -5.32 -23.77
C PHE A 640 37.46 -4.72 -25.21
N LEU A 641 36.61 -5.37 -26.01
CA LEU A 641 36.41 -5.12 -27.46
C LEU A 641 37.69 -5.36 -28.27
N ASP A 648 46.32 -17.36 -35.03
CA ASP A 648 46.59 -18.41 -34.05
C ASP A 648 46.59 -19.80 -34.69
N ASP A 649 47.76 -20.45 -34.70
CA ASP A 649 47.94 -21.77 -35.30
C ASP A 649 48.69 -22.76 -34.39
N GLU A 650 47.98 -23.81 -33.95
CA GLU A 650 48.53 -24.97 -33.19
C GLU A 650 49.13 -24.67 -31.80
N GLU A 651 50.09 -23.75 -31.75
CA GLU A 651 50.79 -23.38 -30.50
C GLU A 651 50.06 -22.07 -30.14
N ASP A 652 50.48 -20.99 -30.77
CA ASP A 652 50.00 -19.63 -30.49
C ASP A 652 50.51 -18.61 -31.52
N HIS A 653 50.65 -18.99 -32.79
CA HIS A 653 51.18 -18.01 -33.73
C HIS A 653 51.83 -16.96 -32.84
N CYS A 654 52.92 -17.41 -32.21
CA CYS A 654 53.58 -16.76 -31.06
C CYS A 654 53.56 -15.23 -30.91
N PHE A 655 53.21 -14.78 -29.70
CA PHE A 655 53.22 -13.36 -29.37
C PHE A 655 54.34 -12.56 -30.02
N ALA A 656 55.58 -12.85 -29.63
CA ALA A 656 56.75 -12.09 -30.10
C ALA A 656 57.25 -12.49 -31.50
N GLU A 657 56.43 -13.25 -32.23
CA GLU A 657 56.72 -13.68 -33.61
C GLU A 657 56.38 -12.53 -34.57
N ILE A 658 57.30 -11.57 -34.69
CA ILE A 658 57.14 -10.41 -35.58
C ILE A 658 57.29 -10.80 -37.06
N ILE A 659 58.26 -11.67 -37.32
CA ILE A 659 58.51 -12.12 -38.66
C ILE A 659 58.61 -13.65 -38.66
N THR A 660 57.72 -14.15 -39.51
CA THR A 660 57.02 -15.39 -39.50
C THR A 660 57.87 -16.62 -39.52
N GLU A 661 57.32 -17.61 -40.21
CA GLU A 661 58.02 -18.81 -40.53
C GLU A 661 59.26 -18.47 -41.27
N GLN A 662 59.09 -17.80 -42.39
CA GLN A 662 60.22 -17.45 -43.20
C GLN A 662 60.25 -15.96 -43.33
N GLU A 663 59.24 -15.40 -43.97
CA GLU A 663 59.38 -13.97 -44.23
C GLU A 663 60.75 -13.51 -43.72
N LYS A 664 61.19 -14.09 -42.60
CA LYS A 664 62.45 -13.76 -41.94
C LYS A 664 63.63 -13.77 -42.93
N LEU A 665 63.77 -14.88 -43.67
CA LEU A 665 64.90 -15.08 -44.61
C LEU A 665 64.55 -14.66 -46.05
N GLU A 666 63.30 -14.22 -46.25
CA GLU A 666 62.85 -13.63 -47.51
C GLU A 666 63.39 -12.21 -47.69
N VAL A 667 64.01 -11.67 -46.63
CA VAL A 667 64.74 -10.41 -46.69
C VAL A 667 66.19 -10.63 -47.15
N LEU A 668 66.78 -11.77 -46.74
CA LEU A 668 68.14 -12.13 -47.13
C LEU A 668 68.23 -12.98 -48.42
N ALA A 669 67.12 -13.09 -49.14
CA ALA A 669 67.12 -13.50 -50.56
C ALA A 669 67.21 -12.25 -51.44
N LYS A 670 67.08 -11.08 -50.79
CA LYS A 670 67.06 -9.79 -51.46
C LYS A 670 68.15 -8.85 -50.91
N PHE A 671 68.60 -9.08 -49.66
CA PHE A 671 69.81 -8.46 -49.07
C PHE A 671 70.88 -8.22 -50.15
N LYS A 672 71.25 -9.31 -50.84
CA LYS A 672 72.42 -9.34 -51.75
C LYS A 672 72.05 -9.07 -53.23
N LYS A 673 70.77 -8.84 -53.52
CA LYS A 673 70.31 -8.56 -54.89
C LYS A 673 70.40 -7.07 -55.19
N GLU A 674 69.75 -6.29 -54.34
CA GLU A 674 69.68 -4.84 -54.49
C GLU A 674 70.98 -4.16 -53.97
N VAL A 675 71.45 -4.60 -52.80
CA VAL A 675 72.65 -4.04 -52.14
C VAL A 675 73.96 -4.29 -52.94
N ASP A 676 74.04 -5.43 -53.61
CA ASP A 676 75.19 -5.76 -54.50
C ASP A 676 74.96 -5.32 -55.97
N ALA A 677 73.71 -5.02 -56.34
CA ALA A 677 73.44 -4.23 -57.55
C ALA A 677 73.85 -2.77 -57.34
N LYS A 678 74.67 -2.55 -56.31
CA LYS A 678 75.27 -1.26 -55.93
C LYS A 678 76.80 -1.28 -55.70
N TYR A 679 77.36 -2.46 -55.37
CA TYR A 679 78.80 -2.61 -55.07
C TYR A 679 79.71 -2.61 -56.31
N ILE A 680 79.43 -3.51 -57.26
CA ILE A 680 80.13 -3.51 -58.57
C ILE A 680 79.32 -2.70 -59.62
N GLU A 681 78.07 -2.39 -59.28
CA GLU A 681 77.23 -1.52 -60.10
C GLU A 681 77.60 -0.04 -59.92
N THR A 682 78.28 0.30 -58.81
CA THR A 682 78.89 1.63 -58.65
C THR A 682 80.43 1.60 -58.73
N LYS A 683 80.96 0.51 -59.28
CA LYS A 683 82.40 0.36 -59.57
C LYS A 683 82.77 1.12 -60.85
N ARG A 684 81.76 1.44 -61.65
CA ARG A 684 81.93 2.16 -62.92
C ARG A 684 82.52 3.56 -62.74
N SER A 685 82.53 4.04 -61.50
CA SER A 685 83.03 5.38 -61.14
C SER A 685 84.38 5.36 -60.40
N ILE A 686 85.39 4.81 -61.07
CA ILE A 686 86.82 5.01 -60.71
C ILE A 686 87.63 5.31 -61.99
N VAL A 687 87.02 5.06 -63.15
CA VAL A 687 87.64 5.25 -64.46
C VAL A 687 88.13 6.68 -64.64
#